data_4DOH
#
_entry.id   4DOH
#
_cell.length_a   103.115
_cell.length_b   111.764
_cell.length_c   136.334
_cell.angle_alpha   90.00
_cell.angle_beta   90.00
_cell.angle_gamma   90.00
#
_symmetry.space_group_name_H-M   'P 21 21 21'
#
loop_
_entity.id
_entity.type
_entity.pdbx_description
1 polymer Interleukin-20
2 polymer 'Interleukin-20 receptor subunit beta'
3 polymer 'Interleukin-20 receptor subunit alpha'
4 non-polymer 2-acetamido-2-deoxy-beta-D-glucopyranose
5 water water
#
loop_
_entity_poly.entity_id
_entity_poly.type
_entity_poly.pdbx_seq_one_letter_code
_entity_poly.pdbx_strand_id
1 'polypeptide(L)'
;ALKTLNLGSCVIATNLQEIRNGFSEIRGSVQAKDGNIDIRILRRTESLQDTKPANRCCLLRHLLRLYLDRVFKNYQTPDH
YTLRKISSLANSFLTIKKDLRLCHAHMTCHCGEEAMKKYSQILSHFEKLEPQAAVVKALGELDILLQWMEETE
;
A,C
2 'polypeptide(L)'
;ADEVAILPAPQQLSVLSTNMKHLLMWSPVIAPGETVYYSVEYQGEYESLYTSHIWIPSSWCSLTEGPECDVTDDITATVP
YNLRVRATLGSQTSAWSILKHPFNRQSTILTRPGMEITKDGFHLVIELEDLGPQFEFLVAYWRREPGAEEHVKMVRSGGI
PVHLETMEPGAAYCVKAQTFVKAIGRYSAFSQTECVEVQGEAIEGR
;
B,D
3 'polypeptide(L)'
;AVPCVSGGLPKPANITFLSINMKNVLQWTPPEGLQGVKVTYTVQYFIYGQKKWLNKSECRNINRTYCDLSAETSDYEHQY
YARVRAIWGTKCSKWAESGRFYPFLETQIGPPEVALTTDEKSISVVLTAPEKWKRNPEDLPVSMQQIYSNLKYNVSVLNT
KSNRTWSQCVTNHTLVLTWLEPNTLYCVHVESFVPGPPRRAQPSEKQCARTLKDQSSIEGR
;
R,E
#
loop_
_chem_comp.id
_chem_comp.type
_chem_comp.name
_chem_comp.formula
NAG D-saccharide, beta linking 2-acetamido-2-deoxy-beta-D-glucopyranose 'C8 H15 N O6'
#
# COMPACT_ATOMS: atom_id res chain seq x y z
N ALA A 1 -11.20 6.97 1.14
CA ALA A 1 -10.48 5.95 0.41
C ALA A 1 -9.33 6.50 -0.40
N LEU A 2 -8.21 5.77 -0.40
CA LEU A 2 -7.07 6.07 -1.26
C LEU A 2 -7.40 5.81 -2.73
N LYS A 3 -6.57 6.34 -3.62
CA LYS A 3 -6.71 6.06 -5.04
C LYS A 3 -5.69 5.01 -5.47
N THR A 4 -6.18 3.88 -5.96
CA THR A 4 -5.27 2.88 -6.46
C THR A 4 -4.96 3.18 -7.92
N LEU A 5 -3.68 3.46 -8.16
CA LEU A 5 -3.20 3.82 -9.48
C LEU A 5 -2.58 2.64 -10.18
N ASN A 6 -3.08 2.38 -11.37
CA ASN A 6 -2.60 1.28 -12.16
C ASN A 6 -1.65 1.82 -13.19
N LEU A 7 -0.38 1.56 -12.98
CA LEU A 7 0.66 2.02 -13.90
C LEU A 7 1.40 0.82 -14.50
N GLY A 8 0.66 -0.03 -15.21
CA GLY A 8 1.23 -1.22 -15.76
C GLY A 8 1.57 -2.13 -14.60
N SER A 9 2.82 -2.54 -14.53
CA SER A 9 3.27 -3.44 -13.47
C SER A 9 3.43 -2.72 -12.15
N CYS A 10 3.51 -1.39 -12.21
CA CYS A 10 3.63 -0.55 -11.03
C CYS A 10 2.26 -0.11 -10.46
N VAL A 11 1.97 -0.52 -9.23
CA VAL A 11 0.69 -0.18 -8.57
C VAL A 11 0.91 0.55 -7.26
N ILE A 12 0.43 1.78 -7.17
CA ILE A 12 0.66 2.52 -5.95
C ILE A 12 -0.63 3.10 -5.43
N ALA A 13 -0.62 3.38 -4.14
CA ALA A 13 -1.76 3.97 -3.45
C ALA A 13 -1.45 5.46 -3.23
N THR A 14 -2.36 6.32 -3.65
CA THR A 14 -2.13 7.75 -3.55
C THR A 14 -3.26 8.46 -2.80
N ASN A 15 -2.92 9.51 -2.08
CA ASN A 15 -3.92 10.32 -1.40
C ASN A 15 -4.37 11.49 -2.27
N LEU A 16 -5.02 11.16 -3.39
CA LEU A 16 -5.54 12.19 -4.27
C LEU A 16 -6.41 13.21 -3.53
N GLN A 17 -7.20 12.76 -2.55
CA GLN A 17 -8.13 13.66 -1.89
C GLN A 17 -7.45 14.82 -1.17
N GLU A 18 -6.47 14.49 -0.34
CA GLU A 18 -5.66 15.49 0.34
C GLU A 18 -5.16 16.53 -0.65
N ILE A 19 -4.58 16.11 -1.76
CA ILE A 19 -4.05 17.10 -2.70
C ILE A 19 -5.13 17.99 -3.35
N ARG A 20 -6.25 17.39 -3.75
CA ARG A 20 -7.34 18.16 -4.35
C ARG A 20 -7.91 19.18 -3.37
N ASN A 21 -8.08 18.78 -2.11
CA ASN A 21 -8.55 19.70 -1.09
C ASN A 21 -7.59 20.85 -0.90
N GLY A 22 -6.30 20.56 -0.87
CA GLY A 22 -5.31 21.60 -0.71
C GLY A 22 -5.30 22.55 -1.90
N PHE A 23 -5.52 22.02 -3.10
CA PHE A 23 -5.37 22.83 -4.29
C PHE A 23 -6.61 23.66 -4.58
N SER A 24 -7.76 23.21 -4.11
CA SER A 24 -9.00 23.92 -4.39
C SER A 24 -8.97 25.24 -3.64
N GLU A 25 -8.16 25.30 -2.59
CA GLU A 25 -8.00 26.51 -1.82
C GLU A 25 -7.30 27.61 -2.61
N ILE A 26 -6.53 27.25 -3.63
CA ILE A 26 -5.72 28.23 -4.33
C ILE A 26 -5.91 28.30 -5.84
N ARG A 27 -6.65 27.34 -6.39
CA ARG A 27 -6.93 27.26 -7.83
C ARG A 27 -7.27 28.60 -8.45
N GLY A 28 -8.32 29.23 -7.92
CA GLY A 28 -8.83 30.45 -8.50
C GLY A 28 -7.80 31.57 -8.50
N SER A 29 -7.18 31.80 -7.36
CA SER A 29 -6.15 32.81 -7.24
C SER A 29 -5.08 32.58 -8.31
N VAL A 30 -4.56 31.35 -8.36
CA VAL A 30 -3.43 30.97 -9.22
C VAL A 30 -3.80 31.10 -10.68
N GLN A 31 -4.93 30.52 -11.04
CA GLN A 31 -5.35 30.53 -12.43
C GLN A 31 -5.59 31.94 -12.95
N ALA A 32 -5.85 32.86 -12.03
CA ALA A 32 -6.03 34.26 -12.40
C ALA A 32 -4.69 34.90 -12.79
N LYS A 33 -3.59 34.39 -12.24
CA LYS A 33 -2.27 34.93 -12.54
C LYS A 33 -1.75 34.49 -13.92
N ASP A 34 -2.51 33.65 -14.61
CA ASP A 34 -2.04 33.04 -15.84
C ASP A 34 -2.71 33.62 -17.08
N GLY A 35 -2.04 34.60 -17.69
CA GLY A 35 -2.56 35.31 -18.84
C GLY A 35 -2.62 34.55 -20.17
N ASN A 36 -1.84 33.48 -20.28
CA ASN A 36 -1.73 32.80 -21.56
C ASN A 36 -2.88 31.80 -21.84
N ILE A 37 -4.09 32.30 -21.92
CA ILE A 37 -5.27 31.45 -22.07
C ILE A 37 -5.27 30.65 -23.36
N ASP A 38 -4.29 30.89 -24.23
CA ASP A 38 -4.31 30.19 -25.51
C ASP A 38 -3.34 29.00 -25.54
N ILE A 39 -2.55 28.87 -24.48
CA ILE A 39 -1.63 27.76 -24.38
C ILE A 39 -1.96 26.79 -23.26
N ARG A 40 -2.21 25.55 -23.63
CA ARG A 40 -2.40 24.46 -22.67
C ARG A 40 -1.21 23.49 -22.68
N ILE A 41 -0.57 23.34 -21.52
CA ILE A 41 0.58 22.45 -21.36
C ILE A 41 0.21 20.96 -21.31
N LEU A 42 -0.71 20.58 -20.41
CA LEU A 42 -1.17 19.19 -20.35
C LEU A 42 -2.29 19.03 -21.34
N ARG A 43 -1.95 18.66 -22.58
CA ARG A 43 -2.80 19.03 -23.71
C ARG A 43 -4.02 18.18 -23.92
N ARG A 44 -3.91 16.89 -23.58
CA ARG A 44 -5.06 15.98 -23.61
C ARG A 44 -4.92 14.87 -24.63
N THR A 45 -4.03 15.10 -25.58
CA THR A 45 -3.58 14.03 -26.45
C THR A 45 -2.48 13.27 -25.73
N GLU A 46 -2.17 13.71 -24.51
CA GLU A 46 -1.11 13.09 -23.72
C GLU A 46 -1.62 12.61 -22.37
N SER A 47 -2.93 12.57 -22.21
CA SER A 47 -3.54 12.02 -21.00
C SER A 47 -2.93 10.68 -20.63
N LEU A 48 -2.80 10.45 -19.34
CA LEU A 48 -2.29 9.22 -18.78
C LEU A 48 -3.12 7.97 -19.12
N GLN A 49 -4.45 8.07 -19.02
CA GLN A 49 -5.31 6.90 -19.25
C GLN A 49 -5.19 6.41 -20.70
N ASP A 50 -4.90 7.32 -21.61
CA ASP A 50 -4.71 6.96 -22.99
C ASP A 50 -3.35 6.33 -23.24
N THR A 51 -2.57 6.14 -22.19
CA THR A 51 -1.22 5.60 -22.34
C THR A 51 -1.15 4.09 -22.04
N LYS A 52 -0.35 3.36 -22.80
CA LYS A 52 -0.21 1.92 -22.56
C LYS A 52 0.33 1.70 -21.14
N PRO A 53 -0.34 0.84 -20.35
CA PRO A 53 0.04 0.71 -18.94
C PRO A 53 1.55 0.60 -18.72
N ALA A 54 2.22 -0.22 -19.50
CA ALA A 54 3.67 -0.30 -19.41
C ALA A 54 4.31 1.10 -19.37
N ASN A 55 3.79 2.02 -20.17
CA ASN A 55 4.38 3.35 -20.25
C ASN A 55 3.93 4.41 -19.25
N ARG A 56 2.83 4.17 -18.53
CA ARG A 56 2.27 5.19 -17.63
C ARG A 56 3.18 5.61 -16.51
N CYS A 57 3.73 4.63 -15.81
CA CYS A 57 4.61 4.90 -14.69
C CYS A 57 5.76 5.79 -15.12
N CYS A 58 6.33 5.51 -16.28
CA CYS A 58 7.44 6.32 -16.72
C CYS A 58 7.00 7.78 -16.93
N LEU A 59 5.91 7.95 -17.66
CA LEU A 59 5.36 9.28 -17.94
C LEU A 59 5.13 10.08 -16.64
N LEU A 60 4.50 9.43 -15.66
CA LEU A 60 4.08 10.09 -14.44
C LEU A 60 5.27 10.53 -13.62
N ARG A 61 6.25 9.64 -13.52
CA ARG A 61 7.49 9.95 -12.80
C ARG A 61 8.13 11.24 -13.33
N HIS A 62 8.23 11.38 -14.65
CA HIS A 62 8.80 12.57 -15.29
C HIS A 62 7.98 13.81 -15.05
N LEU A 63 6.67 13.68 -15.17
CA LEU A 63 5.78 14.78 -14.88
C LEU A 63 5.95 15.27 -13.44
N LEU A 64 6.00 14.33 -12.50
CA LEU A 64 6.26 14.71 -11.11
C LEU A 64 7.63 15.36 -10.99
N ARG A 65 8.64 14.81 -11.63
CA ARG A 65 9.96 15.39 -11.52
C ARG A 65 9.92 16.81 -12.07
N LEU A 66 9.20 17.00 -13.18
CA LEU A 66 9.00 18.33 -13.73
C LEU A 66 8.50 19.31 -12.66
N TYR A 67 7.36 18.97 -12.05
CA TYR A 67 6.73 19.82 -11.06
C TYR A 67 7.61 20.04 -9.85
N LEU A 68 8.24 18.97 -9.37
CA LEU A 68 9.10 19.10 -8.20
C LEU A 68 10.40 19.86 -8.51
N ASP A 69 10.94 19.67 -9.71
CA ASP A 69 12.22 20.29 -10.04
C ASP A 69 12.09 21.77 -10.38
N ARG A 70 10.96 22.17 -10.94
CA ARG A 70 10.87 23.52 -11.42
C ARG A 70 9.53 24.27 -11.32
N VAL A 71 8.51 23.68 -10.69
CA VAL A 71 7.28 24.43 -10.45
C VAL A 71 7.12 24.89 -9.00
N PHE A 72 6.78 23.96 -8.12
CA PHE A 72 6.48 24.28 -6.72
C PHE A 72 7.44 25.27 -6.05
N LYS A 73 8.74 25.03 -6.13
CA LYS A 73 9.72 25.90 -5.44
C LYS A 73 9.85 27.33 -6.03
N ASN A 74 9.28 27.56 -7.21
CA ASN A 74 9.50 28.81 -7.95
C ASN A 74 8.27 29.70 -8.08
N TYR A 75 7.12 29.21 -7.66
CA TYR A 75 5.92 30.03 -7.75
C TYR A 75 6.05 31.17 -6.74
N GLN A 76 6.02 32.41 -7.24
CA GLN A 76 6.14 33.57 -6.37
C GLN A 76 4.82 34.24 -5.99
N THR A 77 4.58 34.33 -4.69
CA THR A 77 3.45 35.09 -4.17
C THR A 77 3.85 35.67 -2.82
N PRO A 78 3.29 36.84 -2.49
CA PRO A 78 3.53 37.54 -1.23
C PRO A 78 2.65 36.96 -0.13
N ASP A 79 1.65 36.19 -0.56
CA ASP A 79 0.64 35.61 0.32
C ASP A 79 1.13 34.35 1.05
N HIS A 80 1.41 34.48 2.33
CA HIS A 80 1.85 33.35 3.17
C HIS A 80 0.91 32.15 3.15
N TYR A 81 -0.38 32.42 3.14
CA TYR A 81 -1.33 31.35 3.13
C TYR A 81 -1.05 30.51 1.91
N THR A 82 -0.90 31.19 0.78
CA THR A 82 -0.70 30.50 -0.48
C THR A 82 0.55 29.62 -0.42
N LEU A 83 1.69 30.24 -0.11
CA LEU A 83 2.94 29.54 0.10
C LEU A 83 2.84 28.26 0.95
N ARG A 84 2.16 28.33 2.09
CA ARG A 84 1.97 27.11 2.88
C ARG A 84 1.27 25.99 2.08
N LYS A 85 0.17 26.32 1.42
CA LYS A 85 -0.55 25.35 0.59
C LYS A 85 0.40 24.73 -0.43
N ILE A 86 1.22 25.56 -1.07
CA ILE A 86 2.10 25.05 -2.09
C ILE A 86 3.09 24.05 -1.50
N SER A 87 3.53 24.30 -0.28
CA SER A 87 4.41 23.36 0.39
C SER A 87 3.68 22.02 0.62
N SER A 88 2.39 22.12 0.88
CA SER A 88 1.59 20.93 1.10
C SER A 88 1.57 20.14 -0.17
N LEU A 89 1.19 20.80 -1.27
CA LEU A 89 1.11 20.13 -2.54
C LEU A 89 2.44 19.44 -2.87
N ALA A 90 3.54 20.16 -2.71
CA ALA A 90 4.82 19.62 -3.09
C ALA A 90 5.23 18.42 -2.25
N ASN A 91 4.97 18.48 -0.95
CA ASN A 91 5.39 17.37 -0.11
C ASN A 91 4.51 16.15 -0.36
N SER A 92 3.22 16.41 -0.60
CA SER A 92 2.30 15.37 -1.00
C SER A 92 2.78 14.76 -2.32
N PHE A 93 3.22 15.59 -3.26
CA PHE A 93 3.72 15.06 -4.52
C PHE A 93 4.98 14.25 -4.35
N LEU A 94 5.73 14.59 -3.32
CA LEU A 94 6.98 13.92 -3.02
C LEU A 94 6.76 12.47 -2.54
N THR A 95 5.71 12.25 -1.77
CA THR A 95 5.46 10.89 -1.32
C THR A 95 5.18 10.02 -2.52
N ILE A 96 4.52 10.58 -3.52
CA ILE A 96 4.21 9.83 -4.72
C ILE A 96 5.47 9.57 -5.54
N LYS A 97 6.31 10.58 -5.71
CA LYS A 97 7.57 10.41 -6.44
C LYS A 97 8.32 9.28 -5.77
N LYS A 98 8.23 9.19 -4.45
CA LYS A 98 8.93 8.16 -3.69
C LYS A 98 8.48 6.72 -4.02
N ASP A 99 7.18 6.52 -4.23
CA ASP A 99 6.69 5.23 -4.62
C ASP A 99 7.06 4.90 -6.06
N LEU A 100 6.98 5.90 -6.94
CA LEU A 100 7.33 5.66 -8.32
C LEU A 100 8.79 5.27 -8.40
N ARG A 101 9.61 5.85 -7.53
CA ARG A 101 11.05 5.57 -7.54
C ARG A 101 11.29 4.12 -7.15
N LEU A 102 10.47 3.63 -6.24
CA LEU A 102 10.55 2.24 -5.84
C LEU A 102 10.20 1.35 -7.03
N CYS A 103 9.11 1.70 -7.73
CA CYS A 103 8.70 0.95 -8.91
C CYS A 103 9.84 0.90 -9.89
N HIS A 104 10.51 2.03 -10.04
CA HIS A 104 11.65 2.14 -10.90
C HIS A 104 12.73 1.18 -10.41
N ALA A 105 13.03 1.20 -9.12
CA ALA A 105 14.11 0.37 -8.61
C ALA A 105 13.80 -1.11 -8.81
N HIS A 106 12.52 -1.47 -8.79
CA HIS A 106 12.09 -2.84 -8.98
C HIS A 106 11.90 -3.17 -10.45
N MET A 107 12.40 -2.31 -11.31
CA MET A 107 12.29 -2.53 -12.77
C MET A 107 10.88 -2.64 -13.29
N THR A 108 9.97 -1.80 -12.80
CA THR A 108 8.59 -1.80 -13.28
C THR A 108 8.15 -0.38 -13.67
N CYS A 109 9.13 0.45 -14.00
CA CYS A 109 8.88 1.81 -14.48
C CYS A 109 9.62 2.01 -15.77
N HIS A 110 9.34 1.13 -16.72
CA HIS A 110 10.04 1.08 -17.98
C HIS A 110 9.76 2.33 -18.82
N CYS A 111 10.83 2.94 -19.33
CA CYS A 111 10.62 4.08 -20.19
C CYS A 111 10.65 3.72 -21.67
N GLY A 112 9.46 3.47 -22.21
CA GLY A 112 9.28 3.25 -23.64
C GLY A 112 9.08 4.56 -24.38
N GLU A 113 9.05 4.51 -25.70
CA GLU A 113 9.00 5.74 -26.50
C GLU A 113 7.64 6.45 -26.52
N GLU A 114 6.54 5.72 -26.36
CA GLU A 114 5.23 6.37 -26.18
C GLU A 114 5.34 7.31 -24.98
N ALA A 115 6.05 6.85 -23.96
CA ALA A 115 6.23 7.62 -22.74
C ALA A 115 7.12 8.82 -22.97
N MET A 116 8.31 8.59 -23.51
CA MET A 116 9.23 9.68 -23.71
C MET A 116 8.63 10.68 -24.69
N LYS A 117 7.93 10.18 -25.69
CA LYS A 117 7.38 11.03 -26.74
C LYS A 117 6.42 12.01 -26.10
N LYS A 118 5.47 11.50 -25.32
CA LYS A 118 4.45 12.35 -24.73
C LYS A 118 5.04 13.34 -23.70
N TYR A 119 6.08 12.91 -22.99
CA TYR A 119 6.73 13.81 -22.05
C TYR A 119 7.45 14.96 -22.74
N SER A 120 8.27 14.64 -23.73
CA SER A 120 8.92 15.67 -24.55
C SER A 120 7.91 16.70 -25.04
N GLN A 121 6.76 16.24 -25.53
CA GLN A 121 5.71 17.15 -25.98
C GLN A 121 5.30 18.11 -24.87
N ILE A 122 4.99 17.56 -23.70
CA ILE A 122 4.63 18.36 -22.53
C ILE A 122 5.76 19.30 -22.15
N LEU A 123 6.96 18.75 -22.02
CA LEU A 123 8.12 19.57 -21.67
C LEU A 123 8.33 20.69 -22.68
N SER A 124 8.04 20.41 -23.95
CA SER A 124 8.15 21.43 -25.00
C SER A 124 7.25 22.59 -24.69
N HIS A 125 5.93 22.33 -24.68
CA HIS A 125 4.90 23.31 -24.31
C HIS A 125 5.31 24.22 -23.14
N PHE A 126 5.79 23.61 -22.07
CA PHE A 126 6.27 24.30 -20.87
C PHE A 126 7.48 25.15 -21.18
N GLU A 127 8.32 24.68 -22.08
CA GLU A 127 9.53 25.42 -22.40
C GLU A 127 9.30 26.59 -23.38
N LYS A 128 8.23 26.52 -24.18
CA LYS A 128 7.79 27.66 -24.99
C LYS A 128 7.69 28.95 -24.18
N LEU A 129 7.05 28.85 -23.01
CA LEU A 129 6.69 30.02 -22.21
C LEU A 129 7.85 30.61 -21.40
N GLU A 130 7.81 31.91 -21.15
CA GLU A 130 8.81 32.54 -20.29
C GLU A 130 8.70 32.00 -18.86
N PRO A 131 9.84 31.73 -18.21
CA PRO A 131 9.91 31.00 -16.94
C PRO A 131 8.69 31.24 -16.06
N GLN A 132 8.67 32.30 -15.25
CA GLN A 132 7.56 32.51 -14.32
C GLN A 132 6.16 32.27 -14.94
N ALA A 133 5.95 32.63 -16.21
CA ALA A 133 4.64 32.33 -16.81
C ALA A 133 4.45 30.82 -16.85
N ALA A 134 5.55 30.12 -17.14
CA ALA A 134 5.51 28.67 -17.25
C ALA A 134 5.09 28.06 -15.92
N VAL A 135 5.81 28.39 -14.84
CA VAL A 135 5.47 27.81 -13.55
C VAL A 135 4.07 28.22 -13.11
N VAL A 136 3.71 29.48 -13.32
CA VAL A 136 2.37 29.92 -12.97
C VAL A 136 1.35 29.05 -13.67
N LYS A 137 1.60 28.71 -14.93
CA LYS A 137 0.64 27.98 -15.75
C LYS A 137 0.51 26.50 -15.35
N ALA A 138 1.63 25.90 -14.95
CA ALA A 138 1.63 24.50 -14.63
C ALA A 138 1.03 24.31 -13.26
N LEU A 139 1.28 25.28 -12.38
CA LEU A 139 0.71 25.19 -11.06
C LEU A 139 -0.78 25.25 -11.22
N GLY A 140 -1.24 26.08 -12.15
CA GLY A 140 -2.66 26.29 -12.32
C GLY A 140 -3.32 25.12 -13.01
N GLU A 141 -2.49 24.19 -13.49
CA GLU A 141 -2.98 23.02 -14.21
C GLU A 141 -2.98 21.74 -13.39
N LEU A 142 -2.72 21.85 -12.08
CA LEU A 142 -2.90 20.72 -11.18
C LEU A 142 -4.26 20.06 -11.34
N ASP A 143 -5.31 20.82 -11.60
CA ASP A 143 -6.62 20.17 -11.71
C ASP A 143 -6.67 19.16 -12.87
N ILE A 144 -5.95 19.45 -13.95
CA ILE A 144 -5.84 18.50 -15.06
C ILE A 144 -5.00 17.31 -14.66
N LEU A 145 -3.84 17.57 -14.09
CA LEU A 145 -2.96 16.51 -13.59
C LEU A 145 -3.66 15.55 -12.58
N LEU A 146 -4.32 16.10 -11.57
CA LEU A 146 -4.98 15.26 -10.60
C LEU A 146 -6.10 14.47 -11.28
N GLN A 147 -6.78 15.07 -12.26
CA GLN A 147 -7.81 14.32 -12.96
C GLN A 147 -7.21 13.22 -13.84
N TRP A 148 -6.06 13.50 -14.45
CA TRP A 148 -5.45 12.48 -15.26
C TRP A 148 -5.21 11.25 -14.40
N MET A 149 -4.75 11.48 -13.17
CA MET A 149 -4.50 10.38 -12.22
C MET A 149 -5.78 9.69 -11.71
N GLU A 150 -6.84 10.46 -11.51
CA GLU A 150 -8.13 9.87 -11.11
C GLU A 150 -8.74 9.07 -12.27
N GLU A 151 -8.55 9.55 -13.49
CA GLU A 151 -9.03 8.89 -14.71
C GLU A 151 -8.51 7.46 -14.84
N THR A 152 -7.25 7.23 -14.45
CA THR A 152 -6.63 5.93 -14.70
C THR A 152 -7.23 4.85 -13.78
N GLU A 153 -8.46 4.46 -14.12
CA GLU A 153 -9.34 3.53 -13.35
C GLU A 153 -8.98 3.14 -11.90
N ILE B 6 22.67 36.70 24.14
CA ILE B 6 22.41 36.62 25.56
C ILE B 6 21.06 35.99 25.89
N LEU B 7 20.05 36.24 25.04
CA LEU B 7 18.73 35.60 25.19
C LEU B 7 18.84 34.13 24.82
N PRO B 8 18.62 33.23 25.79
CA PRO B 8 18.76 31.80 25.51
C PRO B 8 17.74 31.31 24.48
N ALA B 9 18.21 30.50 23.53
CA ALA B 9 17.33 29.89 22.54
C ALA B 9 16.73 28.63 23.14
N PRO B 10 15.40 28.48 22.98
CA PRO B 10 14.58 27.46 23.63
C PRO B 10 15.21 26.07 23.59
N GLN B 11 14.99 25.28 24.62
CA GLN B 11 15.61 23.96 24.71
C GLN B 11 14.58 22.87 24.94
N GLN B 12 14.98 21.62 24.76
CA GLN B 12 14.08 20.47 24.87
C GLN B 12 12.88 20.54 23.96
N LEU B 13 13.09 20.77 22.66
CA LEU B 13 11.95 20.74 21.74
C LEU B 13 11.54 19.30 21.55
N SER B 14 10.24 19.06 21.58
CA SER B 14 9.69 17.75 21.25
C SER B 14 8.36 17.96 20.60
N VAL B 15 7.83 16.93 19.94
CA VAL B 15 6.49 17.03 19.39
C VAL B 15 5.57 16.05 20.07
N LEU B 16 4.37 16.50 20.37
CA LEU B 16 3.39 15.64 21.04
C LEU B 16 2.23 15.40 20.11
N SER B 17 2.14 14.18 19.58
CA SER B 17 1.20 13.90 18.50
C SER B 17 0.15 12.88 18.84
N THR B 18 -1.10 13.34 18.91
CA THR B 18 -2.21 12.49 19.32
C THR B 18 -3.39 12.64 18.35
N ASN B 19 -3.84 11.51 17.79
CA ASN B 19 -4.91 11.49 16.79
C ASN B 19 -4.71 12.49 15.67
N MET B 20 -3.47 12.57 15.20
CA MET B 20 -3.13 13.45 14.08
C MET B 20 -3.30 14.93 14.42
N LYS B 21 -3.20 15.26 15.70
CA LYS B 21 -3.04 16.66 16.12
C LYS B 21 -1.64 16.77 16.70
N HIS B 22 -0.88 17.74 16.20
CA HIS B 22 0.55 17.81 16.49
C HIS B 22 0.92 19.03 17.30
N LEU B 23 1.54 18.79 18.45
CA LEU B 23 1.94 19.87 19.33
C LEU B 23 3.45 19.95 19.45
N LEU B 24 4.01 21.09 19.05
CA LEU B 24 5.43 21.32 19.23
C LEU B 24 5.61 21.98 20.58
N MET B 25 6.52 21.44 21.38
CA MET B 25 6.76 21.96 22.74
C MET B 25 8.24 22.23 23.01
N TRP B 26 8.48 23.10 24.00
CA TRP B 26 9.83 23.44 24.42
C TRP B 26 9.85 24.04 25.83
N SER B 27 11.01 23.95 26.50
CA SER B 27 11.18 24.58 27.80
C SER B 27 10.96 26.07 27.63
N PRO B 28 10.20 26.70 28.53
CA PRO B 28 9.98 28.13 28.36
C PRO B 28 11.30 28.86 28.56
N VAL B 29 11.46 30.01 27.94
CA VAL B 29 12.59 30.86 28.23
C VAL B 29 12.23 31.81 29.37
N ILE B 30 12.96 31.69 30.48
CA ILE B 30 12.68 32.49 31.67
C ILE B 30 13.70 33.60 31.80
N ALA B 31 13.31 34.79 31.36
CA ALA B 31 14.19 35.96 31.35
C ALA B 31 13.41 37.20 31.76
N PRO B 32 14.09 38.10 32.48
CA PRO B 32 13.48 39.35 32.95
C PRO B 32 13.46 40.34 31.79
N GLY B 33 12.27 40.86 31.52
CA GLY B 33 12.03 41.75 30.42
C GLY B 33 10.54 41.80 30.27
N GLU B 34 10.03 42.06 29.07
CA GLU B 34 8.60 41.94 28.83
C GLU B 34 8.20 40.47 28.86
N THR B 35 7.08 40.17 28.23
CA THR B 35 6.66 38.79 28.09
C THR B 35 7.42 38.19 26.91
N VAL B 36 7.92 36.96 27.09
CA VAL B 36 8.63 36.26 26.03
C VAL B 36 7.65 35.72 24.99
N TYR B 37 7.89 36.07 23.73
CA TYR B 37 7.11 35.57 22.61
C TYR B 37 7.97 34.66 21.72
N TYR B 38 7.32 33.74 21.01
CA TYR B 38 8.08 32.76 20.26
C TYR B 38 7.75 32.77 18.77
N SER B 39 8.69 32.30 17.97
CA SER B 39 8.43 32.11 16.54
C SER B 39 8.87 30.74 16.04
N VAL B 40 7.90 29.99 15.55
CA VAL B 40 8.10 28.64 15.06
C VAL B 40 8.07 28.63 13.54
N GLU B 41 8.98 27.90 12.93
CA GLU B 41 8.96 27.74 11.48
C GLU B 41 9.22 26.29 11.13
N TYR B 42 8.87 25.90 9.91
CA TYR B 42 9.03 24.51 9.51
C TYR B 42 9.52 24.34 8.10
N GLN B 43 9.98 23.13 7.82
CA GLN B 43 10.25 22.77 6.44
C GLN B 43 10.00 21.28 6.27
N GLY B 44 9.24 20.95 5.24
CA GLY B 44 8.98 19.59 4.87
C GLY B 44 10.16 19.04 4.11
N GLU B 45 10.24 17.72 4.01
CA GLU B 45 11.28 17.06 3.25
C GLU B 45 11.51 17.67 1.86
N TYR B 46 10.44 18.12 1.20
CA TYR B 46 10.61 18.83 -0.06
C TYR B 46 11.56 20.01 0.06
N GLU B 47 11.28 20.85 1.03
CA GLU B 47 12.08 22.05 1.29
C GLU B 47 13.49 21.66 1.70
N SER B 48 13.61 20.66 2.56
CA SER B 48 14.90 20.18 2.99
C SER B 48 15.76 19.78 1.80
N LEU B 49 15.23 18.95 0.91
CA LEU B 49 16.04 18.46 -0.19
C LEU B 49 16.15 19.44 -1.35
N TYR B 50 15.05 20.09 -1.71
CA TYR B 50 15.06 20.94 -2.90
C TYR B 50 15.46 22.42 -2.67
N THR B 51 15.22 22.93 -1.47
CA THR B 51 15.54 24.32 -1.16
C THR B 51 15.96 24.45 0.30
N SER B 52 17.03 23.74 0.67
CA SER B 52 17.42 23.56 2.08
C SER B 52 17.48 24.82 2.96
N HIS B 53 17.72 25.98 2.36
CA HIS B 53 17.91 27.18 3.17
C HIS B 53 16.61 27.97 3.41
N ILE B 54 15.50 27.42 2.93
CA ILE B 54 14.21 28.09 3.06
C ILE B 54 13.28 27.45 4.12
N TRP B 55 12.78 28.26 5.03
CA TRP B 55 11.80 27.77 6.01
C TRP B 55 10.45 28.45 5.82
N ILE B 56 9.36 27.72 6.00
CA ILE B 56 8.02 28.32 5.93
C ILE B 56 7.56 28.65 7.35
N PRO B 57 7.17 29.90 7.58
CA PRO B 57 6.71 30.28 8.92
C PRO B 57 5.37 29.63 9.22
N SER B 58 5.23 29.09 10.43
CA SER B 58 4.03 28.37 10.84
C SER B 58 2.78 29.21 10.69
N SER B 59 1.63 28.56 10.58
CA SER B 59 0.37 29.29 10.38
C SER B 59 -0.24 29.94 11.64
N TRP B 60 0.24 29.57 12.83
CA TRP B 60 -0.26 30.17 14.06
C TRP B 60 0.77 30.61 15.09
N CYS B 61 2.04 30.26 14.88
CA CYS B 61 3.06 30.63 15.85
C CYS B 61 4.09 31.59 15.27
N SER B 62 3.60 32.76 14.88
CA SER B 62 4.46 33.87 14.54
C SER B 62 4.30 34.87 15.68
N LEU B 63 5.15 34.71 16.69
CA LEU B 63 5.10 35.52 17.90
C LEU B 63 3.91 35.19 18.81
N THR B 64 3.94 34.02 19.46
CA THR B 64 2.89 33.68 20.41
C THR B 64 3.44 33.38 21.80
N GLU B 65 2.57 33.52 22.81
CA GLU B 65 2.99 33.49 24.21
C GLU B 65 3.52 32.14 24.72
N GLY B 66 2.65 31.14 24.81
CA GLY B 66 3.05 29.90 25.45
C GLY B 66 4.23 29.22 24.81
N PRO B 67 4.97 28.40 25.58
CA PRO B 67 6.07 27.60 25.06
C PRO B 67 5.54 26.38 24.30
N GLU B 68 4.53 26.59 23.45
CA GLU B 68 3.97 25.50 22.65
C GLU B 68 3.34 26.01 21.35
N CYS B 69 3.06 25.06 20.46
CA CYS B 69 2.52 25.39 19.15
C CYS B 69 1.75 24.24 18.51
N ASP B 70 0.55 24.53 18.01
CA ASP B 70 -0.23 23.54 17.26
C ASP B 70 0.09 23.61 15.78
N VAL B 71 1.01 22.75 15.35
CA VAL B 71 1.50 22.77 13.97
C VAL B 71 0.63 21.93 13.04
N THR B 72 -0.45 21.39 13.59
CA THR B 72 -1.35 20.54 12.83
C THR B 72 -1.67 21.01 11.41
N ASP B 73 -1.99 22.29 11.24
CA ASP B 73 -2.35 22.74 9.91
C ASP B 73 -1.15 22.84 8.98
N ASP B 74 0.03 22.55 9.53
CA ASP B 74 1.29 22.70 8.83
C ASP B 74 1.84 21.36 8.30
N ILE B 75 1.82 20.34 9.16
CA ILE B 75 2.26 19.00 8.79
C ILE B 75 1.17 18.27 8.00
N THR B 76 1.19 18.44 6.68
CA THR B 76 0.05 18.02 5.87
C THR B 76 0.44 16.98 4.83
N ALA B 77 1.58 16.35 5.03
CA ALA B 77 2.06 15.35 4.11
C ALA B 77 2.83 14.30 4.92
N THR B 78 2.85 13.06 4.45
CA THR B 78 3.48 12.01 5.25
C THR B 78 4.98 11.87 4.96
N VAL B 79 5.71 12.92 5.34
CA VAL B 79 7.15 13.02 5.20
C VAL B 79 7.72 13.60 6.49
N PRO B 80 9.04 13.44 6.69
CA PRO B 80 9.70 14.04 7.86
C PRO B 80 9.69 15.55 7.73
N TYR B 81 9.36 16.23 8.82
CA TYR B 81 9.35 17.67 8.82
C TYR B 81 10.41 18.15 9.77
N ASN B 82 11.03 19.27 9.41
CA ASN B 82 11.91 19.99 10.33
C ASN B 82 11.17 21.14 10.96
N LEU B 83 11.36 21.32 12.25
CA LEU B 83 10.76 22.43 12.94
C LEU B 83 11.84 23.16 13.72
N ARG B 84 11.85 24.49 13.63
CA ARG B 84 12.66 25.31 14.53
C ARG B 84 11.85 26.38 15.30
N VAL B 85 12.35 26.73 16.47
CA VAL B 85 11.71 27.80 17.22
C VAL B 85 12.73 28.79 17.76
N ARG B 86 12.42 30.08 17.67
CA ARG B 86 13.18 31.08 18.40
C ARG B 86 12.30 31.89 19.34
N ALA B 87 12.88 32.27 20.46
CA ALA B 87 12.21 33.12 21.44
C ALA B 87 12.60 34.57 21.19
N THR B 88 11.73 35.51 21.60
CA THR B 88 12.03 36.92 21.38
C THR B 88 11.43 37.88 22.43
N LEU B 89 12.30 38.66 23.09
CA LEU B 89 11.92 39.67 24.09
C LEU B 89 12.08 41.10 23.56
N GLY B 90 10.98 41.68 23.07
CA GLY B 90 11.02 43.01 22.48
C GLY B 90 12.10 43.14 21.42
N SER B 91 13.28 43.59 21.84
CA SER B 91 14.39 43.80 20.92
C SER B 91 15.18 42.52 20.70
N GLN B 92 15.71 41.97 21.78
CA GLN B 92 16.49 40.75 21.69
C GLN B 92 15.70 39.61 21.04
N THR B 93 16.31 38.93 20.08
CA THR B 93 15.72 37.70 19.55
C THR B 93 16.77 36.58 19.60
N SER B 94 16.42 35.44 20.18
CA SER B 94 17.38 34.36 20.38
C SER B 94 17.82 33.71 19.06
N ALA B 95 18.65 32.68 19.16
CA ALA B 95 19.01 31.90 17.99
C ALA B 95 17.90 30.89 17.69
N TRP B 96 17.78 30.47 16.43
CA TRP B 96 16.86 29.41 16.06
C TRP B 96 17.34 28.13 16.73
N SER B 97 16.43 27.47 17.43
CA SER B 97 16.67 26.16 18.04
C SER B 97 15.96 25.06 17.24
N ILE B 98 16.66 23.95 16.98
CA ILE B 98 16.11 22.93 16.09
C ILE B 98 15.64 21.66 16.81
N LEU B 99 14.58 21.05 16.29
CA LEU B 99 14.09 19.77 16.79
C LEU B 99 15.10 18.70 16.40
N LYS B 100 15.60 17.98 17.40
CA LYS B 100 16.68 17.00 17.21
C LYS B 100 16.32 15.94 16.19
N HIS B 101 15.08 15.46 16.22
CA HIS B 101 14.64 14.43 15.29
C HIS B 101 13.41 14.92 14.55
N PRO B 102 13.55 15.16 13.24
CA PRO B 102 12.47 15.67 12.39
C PRO B 102 11.20 14.82 12.60
N PHE B 103 10.04 15.47 12.60
CA PHE B 103 8.80 14.78 12.95
C PHE B 103 8.07 14.25 11.73
N ASN B 104 7.65 12.99 11.79
CA ASN B 104 6.75 12.43 10.78
C ASN B 104 5.40 12.02 11.37
N ARG B 105 4.30 12.51 10.80
CA ARG B 105 2.99 12.26 11.39
C ARG B 105 2.66 10.78 11.52
N GLN B 106 3.42 9.94 10.82
CA GLN B 106 3.27 8.48 10.87
C GLN B 106 3.32 7.94 12.30
N SER B 107 3.79 8.79 13.21
CA SER B 107 4.07 8.40 14.59
C SER B 107 3.04 8.92 15.56
N THR B 108 2.08 9.70 15.07
CA THR B 108 1.00 10.15 15.94
C THR B 108 0.41 8.97 16.75
N ILE B 109 -0.03 9.24 17.97
CA ILE B 109 -0.65 8.20 18.81
C ILE B 109 -2.11 8.05 18.47
N LEU B 110 -2.59 6.82 18.26
CA LEU B 110 -3.97 6.62 17.81
C LEU B 110 -4.88 6.03 18.89
N THR B 111 -5.66 6.91 19.50
CA THR B 111 -6.66 6.61 20.52
C THR B 111 -7.86 5.79 20.04
N ARG B 112 -8.37 4.90 20.88
CA ARG B 112 -9.60 4.16 20.60
C ARG B 112 -10.75 5.17 20.40
N PRO B 113 -11.57 4.96 19.36
CA PRO B 113 -12.53 6.02 19.03
C PRO B 113 -13.64 6.11 20.05
N GLY B 114 -14.25 7.29 20.18
CA GLY B 114 -15.41 7.46 21.02
C GLY B 114 -16.65 6.98 20.29
N MET B 115 -17.64 6.51 21.03
CA MET B 115 -18.76 5.83 20.41
C MET B 115 -20.05 6.02 21.18
N GLU B 116 -21.14 6.26 20.46
CA GLU B 116 -22.44 6.45 21.08
C GLU B 116 -23.48 5.68 20.25
N ILE B 117 -23.88 4.53 20.78
CA ILE B 117 -24.84 3.65 20.11
C ILE B 117 -26.24 4.03 20.55
N THR B 118 -27.14 4.23 19.60
CA THR B 118 -28.54 4.55 19.93
C THR B 118 -29.53 3.63 19.20
N LYS B 119 -30.81 3.77 19.56
CA LYS B 119 -31.88 2.92 19.09
C LYS B 119 -33.11 3.76 18.74
N ASP B 120 -33.40 3.94 17.45
CA ASP B 120 -34.70 4.49 17.08
C ASP B 120 -35.60 3.32 16.75
N GLY B 121 -36.01 2.59 17.78
CA GLY B 121 -36.88 1.46 17.58
C GLY B 121 -36.07 0.22 17.32
N PHE B 122 -36.28 -0.38 16.16
CA PHE B 122 -35.52 -1.55 15.77
C PHE B 122 -34.25 -1.11 15.05
N HIS B 123 -34.01 0.20 15.04
CA HIS B 123 -32.93 0.78 14.25
C HIS B 123 -31.69 1.10 15.06
N LEU B 124 -30.63 0.33 14.79
CA LEU B 124 -29.32 0.50 15.41
C LEU B 124 -28.52 1.60 14.73
N VAL B 125 -28.09 2.57 15.53
CA VAL B 125 -27.52 3.78 15.02
C VAL B 125 -26.26 4.11 15.80
N ILE B 126 -25.31 4.76 15.14
CA ILE B 126 -24.04 5.07 15.77
C ILE B 126 -23.54 6.45 15.38
N GLU B 127 -22.89 7.10 16.33
CA GLU B 127 -22.31 8.41 16.11
C GLU B 127 -20.96 8.39 16.77
N LEU B 128 -19.92 8.61 15.98
CA LEU B 128 -18.57 8.47 16.47
C LEU B 128 -17.96 9.80 16.84
N GLU B 129 -16.95 9.77 17.69
CA GLU B 129 -16.19 10.94 18.06
C GLU B 129 -15.72 11.64 16.79
N ASP B 130 -15.88 12.96 16.72
CA ASP B 130 -15.49 13.71 15.51
C ASP B 130 -13.99 14.03 15.51
N LEU B 131 -13.21 13.12 14.94
CA LEU B 131 -11.75 13.22 14.96
C LEU B 131 -11.20 13.96 13.74
N GLY B 132 -12.09 14.32 12.82
CA GLY B 132 -11.72 15.14 11.68
C GLY B 132 -11.57 14.35 10.41
N PRO B 133 -11.35 15.08 9.31
CA PRO B 133 -11.34 14.49 7.97
C PRO B 133 -10.20 13.49 7.73
N GLN B 134 -9.15 13.52 8.55
CA GLN B 134 -8.05 12.55 8.41
C GLN B 134 -8.45 11.12 8.76
N PHE B 135 -9.68 10.96 9.27
CA PHE B 135 -10.14 9.73 9.90
C PHE B 135 -11.37 9.10 9.27
N GLU B 136 -11.33 7.77 9.18
CA GLU B 136 -12.49 6.95 8.80
C GLU B 136 -12.70 5.89 9.90
N PHE B 137 -13.93 5.43 10.08
CA PHE B 137 -14.19 4.46 11.14
C PHE B 137 -14.63 3.13 10.58
N LEU B 138 -14.07 2.04 11.10
CA LEU B 138 -14.57 0.70 10.79
C LEU B 138 -15.42 0.25 11.96
N VAL B 139 -16.73 0.14 11.72
CA VAL B 139 -17.64 -0.32 12.75
C VAL B 139 -17.97 -1.79 12.51
N ALA B 140 -17.78 -2.61 13.53
CA ALA B 140 -18.17 -4.00 13.46
C ALA B 140 -19.39 -4.16 14.34
N TYR B 141 -20.49 -4.63 13.76
CA TYR B 141 -21.68 -4.99 14.53
C TYR B 141 -22.09 -6.44 14.27
N TRP B 142 -22.51 -7.15 15.31
CA TRP B 142 -23.06 -8.49 15.14
C TRP B 142 -24.27 -8.76 16.03
N ARG B 143 -25.20 -9.55 15.51
CA ARG B 143 -26.31 -10.12 16.30
C ARG B 143 -25.75 -11.17 17.27
N ARG B 144 -25.74 -10.85 18.56
CA ARG B 144 -25.03 -11.65 19.58
C ARG B 144 -25.66 -13.03 19.79
N GLU B 145 -25.38 -13.93 18.84
CA GLU B 145 -25.83 -15.31 18.88
C GLU B 145 -24.68 -16.14 18.29
N PRO B 146 -24.61 -17.43 18.65
CA PRO B 146 -23.54 -18.36 18.29
C PRO B 146 -23.27 -18.48 16.78
N GLY B 147 -24.32 -18.38 15.96
CA GLY B 147 -24.18 -18.53 14.52
C GLY B 147 -23.77 -17.29 13.75
N ALA B 148 -24.16 -16.12 14.26
CA ALA B 148 -23.99 -14.85 13.54
C ALA B 148 -22.54 -14.36 13.43
N GLU B 149 -22.28 -13.64 12.35
CA GLU B 149 -20.93 -13.16 12.03
C GLU B 149 -20.78 -11.64 12.16
N GLU B 150 -19.53 -11.18 12.13
CA GLU B 150 -19.23 -9.76 12.03
C GLU B 150 -19.68 -9.18 10.71
N HIS B 151 -20.49 -8.13 10.79
CA HIS B 151 -20.69 -7.26 9.65
C HIS B 151 -19.69 -6.11 9.81
N VAL B 152 -19.30 -5.48 8.71
CA VAL B 152 -18.41 -4.32 8.79
C VAL B 152 -18.94 -3.21 7.92
N LYS B 153 -19.06 -2.04 8.51
CA LYS B 153 -19.47 -0.86 7.77
C LYS B 153 -18.40 0.23 7.98
N MET B 154 -18.05 0.93 6.91
CA MET B 154 -17.22 2.11 7.02
C MET B 154 -18.08 3.36 7.25
N VAL B 155 -17.77 4.12 8.29
CA VAL B 155 -18.41 5.41 8.49
C VAL B 155 -17.42 6.52 8.25
N ARG B 156 -17.79 7.46 7.38
CA ARG B 156 -16.85 8.48 6.90
C ARG B 156 -16.47 9.55 7.92
N SER B 157 -17.42 9.96 8.76
CA SER B 157 -17.21 11.11 9.64
C SER B 157 -17.87 10.94 11.03
N GLY B 158 -17.54 11.83 11.95
CA GLY B 158 -17.94 11.69 13.35
C GLY B 158 -19.04 12.62 13.81
N GLY B 159 -19.29 13.69 13.08
CA GLY B 159 -20.41 14.53 13.45
C GLY B 159 -21.75 13.78 13.50
N ILE B 160 -21.92 12.84 12.58
CA ILE B 160 -23.22 12.33 12.14
C ILE B 160 -23.70 11.05 12.81
N PRO B 161 -25.02 10.91 13.00
CA PRO B 161 -25.67 9.64 13.38
C PRO B 161 -25.97 8.76 12.17
N VAL B 162 -25.28 7.63 12.08
CA VAL B 162 -25.36 6.75 10.92
C VAL B 162 -26.12 5.48 11.24
N HIS B 163 -26.89 5.00 10.28
CA HIS B 163 -27.70 3.81 10.45
C HIS B 163 -26.86 2.55 10.22
N LEU B 164 -26.75 1.73 11.26
CA LEU B 164 -26.04 0.44 11.17
C LEU B 164 -26.90 -0.68 10.59
N GLU B 165 -27.92 -1.08 11.34
CA GLU B 165 -28.81 -2.13 10.89
C GLU B 165 -30.22 -2.02 11.47
N THR B 166 -31.17 -2.67 10.80
CA THR B 166 -32.51 -2.84 11.33
C THR B 166 -32.62 -4.15 12.13
N MET B 167 -32.47 -4.07 13.46
CA MET B 167 -32.51 -5.27 14.32
C MET B 167 -33.82 -6.08 14.29
N GLU B 168 -33.69 -7.39 14.33
CA GLU B 168 -34.82 -8.28 14.56
C GLU B 168 -34.96 -8.61 16.06
N PRO B 169 -36.19 -8.89 16.52
CA PRO B 169 -36.49 -9.09 17.95
C PRO B 169 -35.67 -10.17 18.69
N GLY B 170 -35.01 -11.07 17.95
CA GLY B 170 -34.23 -12.12 18.58
C GLY B 170 -33.20 -11.82 19.67
N ALA B 171 -32.05 -11.28 19.31
CA ALA B 171 -30.83 -11.63 20.05
C ALA B 171 -30.05 -10.65 20.93
N ALA B 172 -30.09 -9.36 20.63
CA ALA B 172 -29.12 -8.38 21.20
C ALA B 172 -27.88 -8.19 20.31
N TYR B 173 -27.70 -6.95 19.85
CA TYR B 173 -26.60 -6.63 18.96
C TYR B 173 -25.43 -5.98 19.69
N CYS B 174 -24.23 -6.24 19.19
CA CYS B 174 -23.02 -5.65 19.75
C CYS B 174 -22.26 -4.84 18.70
N VAL B 175 -21.52 -3.84 19.17
CA VAL B 175 -20.77 -3.01 18.25
C VAL B 175 -19.44 -2.62 18.86
N LYS B 176 -18.42 -2.60 18.00
CA LYS B 176 -17.12 -2.02 18.36
C LYS B 176 -16.61 -1.18 17.19
N ALA B 177 -15.66 -0.31 17.46
CA ALA B 177 -15.24 0.64 16.46
C ALA B 177 -13.75 0.90 16.51
N GLN B 178 -13.12 1.00 15.34
CA GLN B 178 -11.73 1.48 15.28
C GLN B 178 -11.59 2.54 14.19
N THR B 179 -10.53 3.34 14.30
CA THR B 179 -10.25 4.35 13.30
C THR B 179 -9.35 3.80 12.23
N PHE B 180 -9.40 4.44 11.07
CA PHE B 180 -8.39 4.23 10.06
C PHE B 180 -7.97 5.58 9.47
N VAL B 181 -6.69 5.87 9.64
CA VAL B 181 -6.09 7.05 9.07
C VAL B 181 -5.40 6.67 7.75
N LYS B 182 -6.01 7.03 6.62
CA LYS B 182 -5.46 6.57 5.34
C LYS B 182 -4.09 7.17 5.05
N ALA B 183 -3.89 8.42 5.45
CA ALA B 183 -2.67 9.13 5.11
C ALA B 183 -1.41 8.46 5.69
N ILE B 184 -1.58 7.61 6.69
CA ILE B 184 -0.44 6.95 7.35
C ILE B 184 -0.58 5.43 7.41
N GLY B 185 -1.72 4.93 6.92
CA GLY B 185 -1.99 3.50 6.87
C GLY B 185 -2.03 2.77 8.21
N ARG B 186 -2.62 3.38 9.23
CA ARG B 186 -2.67 2.73 10.54
C ARG B 186 -4.06 2.74 11.16
N TYR B 187 -4.35 1.70 11.95
CA TYR B 187 -5.62 1.60 12.64
C TYR B 187 -5.40 1.89 14.12
N SER B 188 -6.45 2.28 14.83
CA SER B 188 -6.38 2.32 16.29
C SER B 188 -6.86 0.98 16.87
N ALA B 189 -6.79 0.84 18.19
CA ALA B 189 -7.40 -0.31 18.84
C ALA B 189 -8.93 -0.17 18.78
N PHE B 190 -9.66 -1.26 18.86
CA PHE B 190 -11.13 -1.15 18.92
C PHE B 190 -11.60 -0.50 20.21
N SER B 191 -12.78 0.08 20.16
CA SER B 191 -13.44 0.57 21.36
C SER B 191 -13.99 -0.63 22.11
N GLN B 192 -14.25 -0.46 23.39
CA GLN B 192 -14.96 -1.50 24.11
C GLN B 192 -16.19 -1.91 23.32
N THR B 193 -16.44 -3.21 23.25
CA THR B 193 -17.72 -3.69 22.71
C THR B 193 -18.85 -3.20 23.63
N GLU B 194 -19.97 -2.84 23.04
CA GLU B 194 -21.13 -2.47 23.87
C GLU B 194 -22.37 -3.03 23.19
N CYS B 195 -23.35 -3.48 23.98
CA CYS B 195 -24.51 -4.19 23.43
C CYS B 195 -25.84 -3.52 23.72
N VAL B 196 -26.90 -3.98 23.05
CA VAL B 196 -28.23 -3.40 23.21
C VAL B 196 -29.31 -4.45 22.86
N GLU B 197 -30.59 -4.08 23.01
CA GLU B 197 -31.71 -4.91 22.50
C GLU B 197 -33.07 -4.22 22.57
N VAL B 198 -34.06 -4.83 21.92
CA VAL B 198 -35.41 -4.26 21.81
C VAL B 198 -36.53 -5.10 22.44
N LYS C 11 -18.75 47.33 -18.94
CA LYS C 11 -17.98 47.32 -17.70
C LYS C 11 -18.50 46.34 -16.62
N PRO C 12 -19.27 45.30 -17.02
CA PRO C 12 -20.01 44.47 -16.05
C PRO C 12 -19.08 43.85 -15.04
N ALA C 13 -19.60 43.24 -13.99
CA ALA C 13 -18.72 42.65 -13.01
C ALA C 13 -19.38 41.52 -12.26
N ASN C 14 -18.58 40.76 -11.51
CA ASN C 14 -19.04 39.57 -10.82
C ASN C 14 -19.42 38.50 -11.80
N ILE C 15 -18.49 38.18 -12.69
CA ILE C 15 -18.72 37.21 -13.72
C ILE C 15 -18.48 35.85 -13.10
N THR C 16 -19.40 34.94 -13.35
CA THR C 16 -19.31 33.60 -12.79
C THR C 16 -20.22 32.66 -13.53
N PHE C 17 -19.89 31.38 -13.45
CA PHE C 17 -20.76 30.38 -14.00
C PHE C 17 -21.59 29.83 -12.87
N LEU C 18 -22.79 29.41 -13.22
CA LEU C 18 -23.61 28.63 -12.32
C LEU C 18 -23.90 27.34 -13.04
N SER C 19 -23.28 26.27 -12.57
CA SER C 19 -23.34 25.05 -13.34
C SER C 19 -23.90 23.88 -12.53
N ILE C 20 -25.14 23.53 -12.79
CA ILE C 20 -25.70 22.36 -12.15
C ILE C 20 -26.14 21.36 -13.22
N ASN C 21 -25.60 20.14 -13.14
CA ASN C 21 -25.91 19.05 -14.08
C ASN C 21 -25.49 19.31 -15.53
N MET C 22 -24.50 20.16 -15.71
CA MET C 22 -23.94 20.45 -17.03
C MET C 22 -24.74 21.49 -17.78
N LYS C 23 -25.81 21.98 -17.18
CA LYS C 23 -26.41 23.19 -17.70
C LYS C 23 -25.57 24.33 -17.16
N ASN C 24 -24.68 24.88 -17.97
CA ASN C 24 -23.79 25.93 -17.51
C ASN C 24 -24.28 27.30 -17.96
N VAL C 25 -24.35 28.25 -17.03
CA VAL C 25 -24.95 29.54 -17.30
C VAL C 25 -24.02 30.63 -16.83
N LEU C 26 -23.71 31.59 -17.71
CA LEU C 26 -22.81 32.68 -17.34
C LEU C 26 -23.64 33.75 -16.68
N GLN C 27 -23.03 34.49 -15.77
CA GLN C 27 -23.75 35.45 -14.94
C GLN C 27 -22.91 36.64 -14.57
N TRP C 28 -23.44 37.84 -14.75
CA TRP C 28 -22.72 39.00 -14.29
C TRP C 28 -23.74 39.89 -13.61
N THR C 29 -23.28 40.97 -13.02
CA THR C 29 -24.20 41.95 -12.46
C THR C 29 -23.97 43.31 -13.13
N PRO C 30 -25.05 44.08 -13.34
CA PRO C 30 -24.99 45.36 -14.05
C PRO C 30 -23.80 46.19 -13.64
N PRO C 31 -23.23 46.96 -14.58
CA PRO C 31 -22.04 47.81 -14.44
C PRO C 31 -22.09 48.84 -13.31
N GLU C 32 -22.21 50.12 -13.66
CA GLU C 32 -22.07 51.21 -12.70
C GLU C 32 -22.92 52.44 -13.04
N GLY C 33 -23.47 52.47 -14.25
CA GLY C 33 -24.19 53.62 -14.76
C GLY C 33 -25.30 54.05 -13.84
N LEU C 34 -25.26 55.33 -13.44
CA LEU C 34 -26.28 55.93 -12.57
C LEU C 34 -27.66 55.42 -12.98
N GLN C 35 -27.99 55.62 -14.25
CA GLN C 35 -29.23 55.12 -14.78
C GLN C 35 -28.91 54.31 -16.03
N GLY C 36 -28.40 54.99 -17.06
CA GLY C 36 -28.11 54.38 -18.34
C GLY C 36 -29.03 53.21 -18.61
N VAL C 37 -30.29 53.36 -18.19
CA VAL C 37 -31.21 52.24 -18.05
C VAL C 37 -31.16 51.26 -19.21
N LYS C 38 -30.79 51.74 -20.39
CA LYS C 38 -30.54 50.86 -21.52
C LYS C 38 -29.05 50.62 -21.72
N VAL C 39 -28.53 49.59 -21.03
CA VAL C 39 -27.32 48.92 -21.46
C VAL C 39 -27.75 47.54 -21.92
N THR C 40 -27.12 47.05 -22.99
CA THR C 40 -27.36 45.69 -23.42
C THR C 40 -26.07 44.94 -23.15
N TYR C 41 -26.06 43.64 -23.39
CA TYR C 41 -24.84 42.87 -23.19
C TYR C 41 -24.53 41.96 -24.35
N THR C 42 -23.26 41.92 -24.75
CA THR C 42 -22.79 40.85 -25.62
C THR C 42 -21.73 39.97 -24.93
N VAL C 43 -21.77 38.67 -25.24
CA VAL C 43 -20.86 37.69 -24.66
C VAL C 43 -20.11 36.82 -25.69
N GLN C 44 -18.81 36.65 -25.46
CA GLN C 44 -17.99 35.74 -26.25
C GLN C 44 -17.49 34.58 -25.37
N TYR C 45 -17.30 33.41 -25.96
CA TYR C 45 -16.71 32.29 -25.23
C TYR C 45 -15.41 31.76 -25.83
N PHE C 46 -14.43 31.53 -24.97
CA PHE C 46 -13.11 31.05 -25.38
C PHE C 46 -12.84 29.65 -24.84
N ILE C 47 -12.13 28.84 -25.63
CA ILE C 47 -11.76 27.49 -25.21
C ILE C 47 -10.29 27.34 -24.84
N TYR C 48 -10.00 27.31 -23.56
CA TYR C 48 -8.62 27.26 -23.06
C TYR C 48 -7.69 26.40 -23.91
N GLY C 49 -6.58 26.99 -24.35
CA GLY C 49 -5.58 26.24 -25.08
C GLY C 49 -5.78 26.27 -26.59
N GLN C 50 -6.94 26.74 -27.00
CA GLN C 50 -7.24 27.01 -28.41
C GLN C 50 -7.04 28.51 -28.70
N LYS C 51 -7.35 28.98 -29.91
CA LYS C 51 -6.89 30.32 -30.29
C LYS C 51 -7.93 31.47 -30.37
N LYS C 52 -9.11 31.17 -30.90
CA LYS C 52 -10.08 32.23 -31.21
C LYS C 52 -11.24 32.39 -30.20
N TRP C 53 -11.45 33.60 -29.72
CA TRP C 53 -12.71 33.94 -29.08
C TRP C 53 -13.86 33.66 -30.05
N LEU C 54 -15.02 33.29 -29.53
CA LEU C 54 -16.15 32.91 -30.39
C LEU C 54 -17.41 33.70 -30.04
N ASN C 55 -18.22 34.02 -31.06
CA ASN C 55 -19.47 34.75 -30.81
C ASN C 55 -20.57 33.78 -30.36
N LYS C 56 -21.55 34.33 -29.64
CA LYS C 56 -22.74 33.57 -29.31
C LYS C 56 -23.90 34.41 -29.80
N SER C 57 -24.54 33.98 -30.88
CA SER C 57 -25.55 34.80 -31.54
C SER C 57 -26.75 35.08 -30.64
N GLU C 58 -27.24 34.05 -29.96
CA GLU C 58 -28.38 34.20 -29.06
C GLU C 58 -28.02 35.08 -27.86
N CYS C 59 -26.79 35.59 -27.81
CA CYS C 59 -26.35 36.48 -26.74
C CYS C 59 -25.68 37.76 -27.24
N ARG C 60 -25.81 38.00 -28.54
CA ARG C 60 -25.45 39.27 -29.14
C ARG C 60 -26.57 40.25 -28.78
N ASN C 61 -26.23 41.28 -28.03
CA ASN C 61 -27.22 42.31 -27.64
C ASN C 61 -28.48 41.74 -26.98
N ILE C 62 -28.44 41.57 -25.66
CA ILE C 62 -29.56 41.06 -24.89
C ILE C 62 -29.85 41.92 -23.66
N ASN C 63 -31.07 41.78 -23.14
CA ASN C 63 -31.53 42.55 -21.97
C ASN C 63 -31.12 41.95 -20.63
N ARG C 64 -30.82 40.65 -20.60
CA ARG C 64 -30.53 39.94 -19.35
C ARG C 64 -29.10 40.10 -18.85
N THR C 65 -28.88 39.58 -17.65
CA THR C 65 -27.56 39.46 -17.07
C THR C 65 -27.19 37.97 -16.89
N TYR C 66 -27.63 37.14 -17.84
CA TYR C 66 -27.29 35.73 -17.81
C TYR C 66 -27.44 35.06 -19.17
N CYS C 67 -26.48 34.20 -19.50
CA CYS C 67 -26.46 33.53 -20.79
C CYS C 67 -26.15 32.04 -20.66
N ASP C 68 -27.03 31.20 -21.20
CA ASP C 68 -26.86 29.74 -21.13
C ASP C 68 -25.84 29.25 -22.17
N LEU C 69 -24.68 28.77 -21.68
CA LEU C 69 -23.61 28.27 -22.54
C LEU C 69 -23.43 26.75 -22.56
N SER C 70 -24.47 26.02 -22.16
CA SER C 70 -24.45 24.56 -22.07
C SER C 70 -23.97 23.83 -23.33
N ALA C 71 -24.38 24.31 -24.50
CA ALA C 71 -24.00 23.65 -25.73
C ALA C 71 -22.55 23.96 -26.08
N GLU C 72 -22.14 25.19 -25.82
CA GLU C 72 -20.79 25.64 -26.12
C GLU C 72 -19.73 25.04 -25.19
N THR C 73 -20.15 24.50 -24.06
CA THR C 73 -19.21 24.02 -23.06
C THR C 73 -19.52 22.59 -22.64
N SER C 74 -19.98 21.80 -23.60
CA SER C 74 -20.41 20.43 -23.32
C SER C 74 -19.28 19.42 -23.08
N ASP C 75 -18.09 19.67 -23.61
CA ASP C 75 -16.98 18.71 -23.52
C ASP C 75 -16.40 18.58 -22.11
N TYR C 76 -16.23 17.33 -21.65
CA TYR C 76 -15.71 17.02 -20.34
C TYR C 76 -14.22 17.28 -20.16
N GLU C 77 -13.50 17.31 -21.27
CA GLU C 77 -12.05 17.36 -21.19
C GLU C 77 -11.51 18.77 -21.26
N HIS C 78 -12.38 19.71 -21.61
CA HIS C 78 -11.92 21.08 -21.86
C HIS C 78 -12.11 22.03 -20.68
N GLN C 79 -11.52 23.20 -20.80
CA GLN C 79 -11.78 24.28 -19.89
C GLN C 79 -12.22 25.45 -20.73
N TYR C 80 -13.04 26.33 -20.16
CA TYR C 80 -13.55 27.45 -20.92
C TYR C 80 -13.38 28.77 -20.20
N TYR C 81 -13.42 29.86 -20.95
CA TYR C 81 -13.60 31.19 -20.37
C TYR C 81 -14.75 31.84 -21.08
N ALA C 82 -15.23 32.96 -20.55
CA ALA C 82 -16.30 33.68 -21.20
C ALA C 82 -16.09 35.15 -20.89
N ARG C 83 -16.29 36.00 -21.89
CA ARG C 83 -16.33 37.43 -21.61
C ARG C 83 -17.65 38.06 -22.00
N VAL C 84 -17.93 39.19 -21.37
CA VAL C 84 -19.16 39.91 -21.62
C VAL C 84 -18.83 41.39 -21.51
N ARG C 85 -19.45 42.22 -22.34
CA ARG C 85 -19.34 43.66 -22.18
C ARG C 85 -20.70 44.33 -22.24
N ALA C 86 -20.75 45.59 -21.83
CA ALA C 86 -21.99 46.36 -21.90
C ALA C 86 -21.93 47.34 -23.08
N ILE C 87 -23.09 47.58 -23.69
CA ILE C 87 -23.21 48.41 -24.89
C ILE C 87 -24.27 49.49 -24.76
N TRP C 88 -23.96 50.70 -25.25
CA TRP C 88 -24.89 51.85 -25.27
C TRP C 88 -25.22 52.24 -26.72
N GLY C 89 -24.52 53.26 -27.24
CA GLY C 89 -24.60 53.59 -28.65
C GLY C 89 -23.60 52.73 -29.40
N THR C 90 -22.44 53.30 -29.72
CA THR C 90 -21.25 52.50 -30.02
C THR C 90 -20.15 52.93 -29.06
N LYS C 91 -20.58 53.30 -27.85
CA LYS C 91 -19.68 53.45 -26.70
C LYS C 91 -19.77 52.17 -25.86
N CYS C 92 -18.78 51.30 -26.01
CA CYS C 92 -18.72 50.04 -25.28
C CYS C 92 -17.67 50.13 -24.16
N SER C 93 -18.08 49.81 -22.94
CA SER C 93 -17.14 49.70 -21.83
C SER C 93 -16.35 48.40 -22.00
N LYS C 94 -15.05 48.45 -21.70
CA LYS C 94 -14.05 47.42 -22.05
C LYS C 94 -14.57 46.03 -22.45
N TRP C 95 -14.20 45.03 -21.65
CA TRP C 95 -14.46 43.59 -21.91
C TRP C 95 -14.35 42.85 -20.59
N ALA C 96 -15.45 42.31 -20.07
CA ALA C 96 -15.42 41.70 -18.74
C ALA C 96 -15.17 40.18 -18.77
N GLU C 97 -14.06 39.75 -18.17
CA GLU C 97 -13.57 38.38 -18.40
C GLU C 97 -13.79 37.44 -17.19
N SER C 98 -14.36 36.26 -17.46
CA SER C 98 -14.54 35.27 -16.39
C SER C 98 -13.22 34.61 -15.98
N GLY C 99 -13.28 33.68 -15.04
CA GLY C 99 -12.12 32.91 -14.63
C GLY C 99 -12.11 31.58 -15.36
N ARG C 100 -11.01 30.85 -15.32
CA ARG C 100 -11.01 29.58 -16.03
C ARG C 100 -12.06 28.67 -15.41
N PHE C 101 -12.91 28.08 -16.24
CA PHE C 101 -14.07 27.32 -15.80
C PHE C 101 -13.97 25.87 -16.29
N TYR C 102 -14.15 24.89 -15.40
CA TYR C 102 -13.88 23.50 -15.77
C TYR C 102 -15.07 22.57 -15.48
N PRO C 103 -16.08 22.58 -16.35
CA PRO C 103 -17.38 22.01 -15.98
C PRO C 103 -17.32 20.57 -15.46
N PHE C 104 -16.45 19.73 -15.99
CA PHE C 104 -16.42 18.35 -15.55
C PHE C 104 -16.06 18.19 -14.06
N LEU C 105 -15.26 19.11 -13.53
CA LEU C 105 -14.91 19.09 -12.10
C LEU C 105 -15.73 20.05 -11.23
N GLU C 106 -16.22 21.13 -11.83
CA GLU C 106 -16.88 22.21 -11.09
C GLU C 106 -18.40 22.15 -11.00
N THR C 107 -19.02 21.39 -11.89
CA THR C 107 -20.49 21.35 -11.97
C THR C 107 -21.13 20.77 -10.69
N GLN C 108 -22.15 21.44 -10.19
CA GLN C 108 -22.94 20.89 -9.11
C GLN C 108 -23.72 19.69 -9.59
N ILE C 109 -23.67 18.61 -8.81
CA ILE C 109 -24.52 17.47 -9.12
C ILE C 109 -25.78 17.71 -8.34
N GLY C 110 -26.91 17.56 -9.01
CA GLY C 110 -28.19 17.88 -8.42
C GLY C 110 -28.77 16.67 -7.71
N PRO C 111 -29.88 16.88 -7.01
CA PRO C 111 -30.56 15.85 -6.23
C PRO C 111 -31.27 14.87 -7.13
N PRO C 112 -31.31 13.59 -6.75
CA PRO C 112 -32.19 12.68 -7.46
C PRO C 112 -33.59 13.04 -7.01
N GLU C 113 -34.59 12.77 -7.82
CA GLU C 113 -35.95 13.01 -7.37
C GLU C 113 -36.40 11.80 -6.55
N VAL C 114 -36.99 12.07 -5.38
CA VAL C 114 -37.36 11.01 -4.44
C VAL C 114 -38.86 10.69 -4.50
N ALA C 115 -39.19 9.40 -4.45
CA ALA C 115 -40.57 8.94 -4.52
C ALA C 115 -40.88 7.96 -3.38
N LEU C 116 -41.68 8.41 -2.42
CA LEU C 116 -42.00 7.58 -1.26
C LEU C 116 -43.33 6.86 -1.41
N THR C 117 -43.33 5.59 -1.00
CA THR C 117 -44.52 4.76 -1.03
C THR C 117 -44.53 4.03 0.31
N THR C 118 -45.72 3.73 0.83
CA THR C 118 -45.77 3.22 2.20
C THR C 118 -46.40 1.85 2.47
N ASP C 119 -46.16 1.39 3.68
CA ASP C 119 -46.66 0.15 4.23
C ASP C 119 -47.02 0.58 5.67
N GLU C 120 -47.29 -0.37 6.55
CA GLU C 120 -47.58 -0.05 7.94
C GLU C 120 -46.28 -0.06 8.77
N LYS C 121 -45.40 -0.99 8.40
CA LYS C 121 -44.07 -1.12 8.96
C LYS C 121 -43.01 -0.44 8.08
N SER C 122 -43.24 -0.43 6.77
CA SER C 122 -42.15 -0.16 5.82
C SER C 122 -42.35 0.95 4.76
N ILE C 123 -41.41 1.88 4.69
CA ILE C 123 -41.43 2.88 3.63
C ILE C 123 -40.42 2.54 2.56
N SER C 124 -40.84 2.60 1.30
CA SER C 124 -39.91 2.42 0.19
C SER C 124 -39.54 3.75 -0.42
N VAL C 125 -38.25 3.99 -0.52
CA VAL C 125 -37.72 5.14 -1.21
C VAL C 125 -37.24 4.71 -2.58
N VAL C 126 -37.68 5.41 -3.61
CA VAL C 126 -37.10 5.16 -4.93
C VAL C 126 -36.60 6.47 -5.50
N LEU C 127 -35.29 6.55 -5.71
CA LEU C 127 -34.73 7.72 -6.36
C LEU C 127 -34.48 7.40 -7.81
N THR C 128 -34.69 8.39 -8.66
CA THR C 128 -34.25 8.30 -10.05
C THR C 128 -33.14 9.32 -10.25
N ALA C 129 -32.01 8.83 -10.76
CA ALA C 129 -30.77 9.62 -10.80
C ALA C 129 -30.96 10.95 -11.50
N PRO C 130 -30.24 11.97 -11.04
CA PRO C 130 -30.34 13.27 -11.72
C PRO C 130 -30.01 13.13 -13.22
N GLU C 131 -30.74 13.87 -14.04
CA GLU C 131 -30.50 13.82 -15.48
C GLU C 131 -29.49 14.90 -15.90
N LYS C 132 -28.68 14.59 -16.91
CA LYS C 132 -27.74 15.56 -17.47
C LYS C 132 -28.51 16.53 -18.37
N TRP C 133 -28.03 17.77 -18.49
CA TRP C 133 -28.69 18.72 -19.36
C TRP C 133 -28.88 18.12 -20.74
N LYS C 134 -30.11 18.13 -21.23
CA LYS C 134 -30.43 17.59 -22.55
C LYS C 134 -30.23 18.62 -23.65
N ARG C 135 -29.52 18.22 -24.70
CA ARG C 135 -29.24 19.08 -25.83
C ARG C 135 -30.51 19.41 -26.63
N ASN C 136 -31.05 18.40 -27.31
CA ASN C 136 -32.31 18.52 -28.04
C ASN C 136 -33.46 18.06 -27.17
N PRO C 137 -34.60 18.77 -27.21
CA PRO C 137 -35.74 18.46 -26.34
C PRO C 137 -36.19 17.02 -26.48
N GLU C 138 -35.97 16.45 -27.66
CA GLU C 138 -36.39 15.09 -27.95
C GLU C 138 -35.29 14.08 -27.66
N ASP C 139 -34.16 14.57 -27.17
CA ASP C 139 -32.96 13.75 -27.07
C ASP C 139 -33.02 12.66 -26.00
N LEU C 140 -32.15 11.67 -26.19
CA LEU C 140 -31.94 10.59 -25.23
C LEU C 140 -31.52 11.13 -23.86
N PRO C 141 -32.37 10.95 -22.85
CA PRO C 141 -32.04 11.35 -21.48
C PRO C 141 -30.73 10.73 -21.00
N VAL C 142 -29.98 11.43 -20.16
CA VAL C 142 -28.69 10.92 -19.67
C VAL C 142 -28.55 10.97 -18.15
N SER C 143 -28.29 9.83 -17.54
CA SER C 143 -28.08 9.78 -16.10
C SER C 143 -26.72 10.39 -15.74
N MET C 144 -26.72 11.35 -14.83
CA MET C 144 -25.47 11.90 -14.36
C MET C 144 -24.60 10.77 -13.87
N GLN C 145 -25.23 9.62 -13.61
CA GLN C 145 -24.56 8.43 -13.07
C GLN C 145 -23.87 7.64 -14.19
N GLN C 146 -23.91 8.18 -15.39
CA GLN C 146 -23.17 7.64 -16.53
C GLN C 146 -21.92 8.49 -16.74
N ILE C 147 -22.04 9.78 -16.42
CA ILE C 147 -20.90 10.69 -16.43
C ILE C 147 -20.01 10.45 -15.21
N TYR C 148 -20.65 10.25 -14.07
CA TYR C 148 -19.95 9.95 -12.83
C TYR C 148 -20.43 8.59 -12.34
N SER C 149 -19.70 7.56 -12.75
CA SER C 149 -20.09 6.18 -12.51
C SER C 149 -20.08 5.85 -11.03
N ASN C 150 -19.38 6.68 -10.27
CA ASN C 150 -19.22 6.49 -8.82
C ASN C 150 -20.17 7.37 -8.00
N LEU C 151 -21.15 7.96 -8.68
CA LEU C 151 -22.16 8.82 -8.07
C LEU C 151 -22.89 8.09 -6.94
N LYS C 152 -22.85 8.66 -5.74
CA LYS C 152 -23.55 8.04 -4.61
C LYS C 152 -24.59 9.01 -4.04
N TYR C 153 -25.60 8.48 -3.35
CA TYR C 153 -26.62 9.33 -2.71
C TYR C 153 -26.56 9.22 -1.20
N ASN C 154 -26.65 10.35 -0.54
CA ASN C 154 -26.65 10.38 0.91
C ASN C 154 -28.06 10.58 1.48
N VAL C 155 -28.61 9.52 2.08
CA VAL C 155 -30.01 9.53 2.46
C VAL C 155 -30.24 9.85 3.93
N SER C 156 -30.94 10.95 4.21
CA SER C 156 -31.29 11.28 5.59
C SER C 156 -32.75 10.98 5.99
N VAL C 157 -32.93 10.28 7.10
CA VAL C 157 -34.26 9.93 7.57
C VAL C 157 -34.53 10.55 8.94
N LEU C 158 -35.51 11.45 9.00
CA LEU C 158 -35.92 12.06 10.27
C LEU C 158 -37.27 11.53 10.69
N ASN C 159 -37.32 11.04 11.92
CA ASN C 159 -38.55 10.65 12.60
C ASN C 159 -39.10 11.87 13.36
N THR C 160 -40.14 12.48 12.80
CA THR C 160 -40.73 13.69 13.38
C THR C 160 -41.30 13.47 14.79
N LYS C 161 -41.75 12.24 15.07
CA LYS C 161 -42.28 11.90 16.39
C LYS C 161 -41.22 12.02 17.49
N SER C 162 -39.99 11.56 17.19
CA SER C 162 -38.93 11.54 18.21
C SER C 162 -37.86 12.62 18.05
N ASN C 163 -37.92 13.36 16.95
CA ASN C 163 -36.83 14.25 16.57
C ASN C 163 -35.51 13.47 16.39
N ARG C 164 -35.63 12.16 16.22
CA ARG C 164 -34.48 11.33 15.94
C ARG C 164 -34.21 11.29 14.43
N THR C 165 -32.94 11.13 14.05
CA THR C 165 -32.53 11.23 12.66
C THR C 165 -31.27 10.42 12.44
N TRP C 166 -31.10 9.93 11.21
CA TRP C 166 -29.93 9.15 10.86
C TRP C 166 -29.64 9.07 9.37
N SER C 167 -28.37 9.23 9.00
CA SER C 167 -27.99 9.22 7.60
C SER C 167 -27.51 7.85 7.15
N GLN C 168 -27.51 7.65 5.83
CA GLN C 168 -26.77 6.56 5.22
C GLN C 168 -26.51 6.79 3.73
N CYS C 169 -25.39 6.25 3.24
CA CYS C 169 -25.02 6.34 1.83
C CYS C 169 -25.49 5.11 1.06
N VAL C 170 -26.01 5.31 -0.15
CA VAL C 170 -26.35 4.18 -1.01
C VAL C 170 -26.04 4.49 -2.47
N THR C 171 -26.15 3.45 -3.29
CA THR C 171 -25.88 3.58 -4.71
C THR C 171 -27.07 3.00 -5.50
N ASN C 172 -27.67 1.96 -4.95
CA ASN C 172 -28.89 1.36 -5.48
C ASN C 172 -30.01 2.42 -5.53
N HIS C 173 -30.74 2.49 -6.65
CA HIS C 173 -31.82 3.48 -6.80
C HIS C 173 -33.03 3.24 -5.89
N THR C 174 -33.04 2.14 -5.15
CA THR C 174 -34.20 1.81 -4.32
C THR C 174 -33.83 1.29 -2.93
N LEU C 175 -34.47 1.87 -1.93
CA LEU C 175 -34.14 1.63 -0.53
C LEU C 175 -35.40 1.37 0.28
N VAL C 176 -35.50 0.21 0.94
CA VAL C 176 -36.66 -0.06 1.80
C VAL C 176 -36.35 0.21 3.26
N LEU C 177 -37.04 1.21 3.82
CA LEU C 177 -36.98 1.43 5.25
C LEU C 177 -37.94 0.49 5.91
N THR C 178 -37.47 -0.36 6.81
CA THR C 178 -38.35 -1.36 7.39
C THR C 178 -38.50 -1.16 8.88
N TRP C 179 -39.35 -1.99 9.49
CA TRP C 179 -39.60 -1.97 10.95
C TRP C 179 -39.79 -0.57 11.56
N LEU C 180 -40.74 0.18 11.03
CA LEU C 180 -41.00 1.55 11.49
C LEU C 180 -42.18 1.62 12.43
N GLU C 181 -42.18 2.65 13.28
CA GLU C 181 -43.33 2.92 14.13
C GLU C 181 -44.53 3.36 13.29
N PRO C 182 -45.72 2.79 13.57
CA PRO C 182 -46.95 3.01 12.81
C PRO C 182 -47.60 4.38 13.06
N ASN C 183 -48.30 4.91 12.06
CA ASN C 183 -48.90 6.24 12.13
C ASN C 183 -47.87 7.30 12.50
N THR C 184 -46.61 7.02 12.23
CA THR C 184 -45.56 8.00 12.42
C THR C 184 -45.24 8.66 11.08
N LEU C 185 -44.92 9.95 11.13
CA LEU C 185 -44.53 10.66 9.92
C LEU C 185 -43.00 10.78 9.85
N TYR C 186 -42.44 10.24 8.76
CA TYR C 186 -41.00 10.26 8.53
C TYR C 186 -40.64 11.23 7.39
N CYS C 187 -39.59 12.03 7.59
CA CYS C 187 -39.11 12.93 6.53
C CYS C 187 -37.79 12.50 5.93
N VAL C 188 -37.80 12.19 4.63
CA VAL C 188 -36.60 11.79 3.90
C VAL C 188 -36.05 12.90 3.00
N HIS C 189 -34.76 13.15 3.06
CA HIS C 189 -34.15 13.97 2.01
C HIS C 189 -32.79 13.48 1.53
N VAL C 190 -32.57 13.61 0.23
CA VAL C 190 -31.42 13.00 -0.42
C VAL C 190 -30.52 13.99 -1.14
N GLU C 191 -29.24 13.92 -0.84
CA GLU C 191 -28.25 14.72 -1.53
C GLU C 191 -27.47 13.80 -2.49
N SER C 192 -26.98 14.36 -3.59
CA SER C 192 -26.11 13.59 -4.47
C SER C 192 -24.67 13.96 -4.21
N PHE C 193 -23.77 12.98 -4.19
CA PHE C 193 -22.36 13.32 -4.16
C PHE C 193 -21.47 12.41 -5.01
N VAL C 194 -20.56 13.05 -5.75
CA VAL C 194 -19.46 12.37 -6.43
C VAL C 194 -18.23 12.54 -5.56
N PRO C 195 -17.58 11.44 -5.20
CA PRO C 195 -16.32 11.64 -4.49
C PRO C 195 -15.33 12.25 -5.49
N GLY C 196 -14.39 13.06 -5.00
CA GLY C 196 -13.46 13.76 -5.87
C GLY C 196 -13.23 15.17 -5.39
N PRO C 197 -12.92 16.07 -6.33
CA PRO C 197 -12.73 17.47 -5.96
C PRO C 197 -14.00 18.00 -5.30
N PRO C 198 -13.86 18.78 -4.22
CA PRO C 198 -15.04 19.33 -3.55
C PRO C 198 -15.85 20.24 -4.48
N ARG C 199 -17.18 20.08 -4.51
CA ARG C 199 -18.03 20.90 -5.36
C ARG C 199 -18.97 21.76 -4.55
N ARG C 200 -19.67 22.64 -5.23
CA ARG C 200 -20.75 23.37 -4.60
C ARG C 200 -21.90 22.40 -4.41
N ALA C 201 -22.39 22.28 -3.19
CA ALA C 201 -23.48 21.36 -2.89
C ALA C 201 -24.77 21.90 -3.48
N GLN C 202 -25.87 21.23 -3.15
CA GLN C 202 -27.13 21.55 -3.78
C GLN C 202 -28.25 21.02 -2.90
N PRO C 203 -29.19 21.91 -2.53
CA PRO C 203 -30.30 21.56 -1.65
C PRO C 203 -30.84 20.17 -1.97
N SER C 204 -30.83 19.30 -0.99
CA SER C 204 -31.36 17.96 -1.13
C SER C 204 -32.86 18.01 -1.39
N GLU C 205 -33.43 16.98 -2.00
CA GLU C 205 -34.89 16.99 -2.06
C GLU C 205 -35.60 16.32 -0.89
N LYS C 206 -36.61 17.02 -0.38
CA LYS C 206 -37.20 16.77 0.92
C LYS C 206 -38.67 16.36 0.83
N GLN C 207 -38.90 15.07 1.07
CA GLN C 207 -40.23 14.46 0.92
C GLN C 207 -40.68 13.76 2.21
N CYS C 208 -41.98 13.78 2.48
CA CYS C 208 -42.48 13.15 3.69
C CYS C 208 -43.50 12.05 3.45
N ALA C 209 -43.63 11.18 4.44
CA ALA C 209 -44.56 10.07 4.35
C ALA C 209 -44.89 9.58 5.75
N ARG C 210 -46.13 9.19 5.93
CA ARG C 210 -46.59 8.68 7.20
C ARG C 210 -46.86 7.18 7.05
N THR C 211 -46.39 6.39 8.01
CA THR C 211 -46.66 4.97 7.96
C THR C 211 -48.13 4.77 8.27
N LEU C 212 -48.66 3.61 7.86
CA LEU C 212 -50.06 3.29 8.09
C LEU C 212 -50.27 2.88 9.54
N LYS C 213 -51.52 2.91 10.00
CA LYS C 213 -51.86 2.63 11.39
C LYS C 213 -51.82 1.14 11.74
N ASP C 214 -51.38 0.84 12.96
CA ASP C 214 -51.15 -0.54 13.44
C ASP C 214 -51.90 -1.66 12.71
N ALA D 1 10.96 -7.60 -2.69
CA ALA D 1 9.80 -6.84 -3.14
C ALA D 1 8.50 -7.48 -2.73
N LEU D 2 7.64 -6.69 -2.10
CA LEU D 2 6.32 -7.18 -1.70
C LEU D 2 5.60 -7.77 -2.91
N LYS D 3 4.56 -8.57 -2.66
CA LYS D 3 3.73 -9.12 -3.75
C LYS D 3 2.44 -8.33 -3.86
N THR D 4 2.15 -7.81 -5.04
CA THR D 4 0.93 -7.03 -5.25
C THR D 4 -0.16 -7.96 -5.73
N LEU D 5 -1.22 -8.12 -4.94
CA LEU D 5 -2.30 -9.00 -5.36
C LEU D 5 -3.37 -8.24 -6.10
N ASN D 6 -3.61 -8.61 -7.35
CA ASN D 6 -4.75 -8.09 -8.05
C ASN D 6 -5.96 -8.98 -7.80
N LEU D 7 -6.90 -8.43 -7.06
CA LEU D 7 -8.11 -9.14 -6.72
C LEU D 7 -9.26 -8.32 -7.27
N GLY D 8 -9.30 -8.18 -8.59
CA GLY D 8 -10.34 -7.37 -9.21
C GLY D 8 -10.32 -5.91 -8.78
N SER D 9 -11.38 -5.47 -8.12
CA SER D 9 -11.51 -4.05 -7.79
C SER D 9 -10.72 -3.71 -6.53
N CYS D 10 -9.83 -4.63 -6.16
CA CYS D 10 -9.13 -4.55 -4.89
C CYS D 10 -7.66 -4.87 -5.16
N VAL D 11 -6.76 -4.04 -4.68
CA VAL D 11 -5.34 -4.38 -4.82
C VAL D 11 -4.64 -4.22 -3.47
N ILE D 12 -3.91 -5.26 -3.05
CA ILE D 12 -3.22 -5.17 -1.77
C ILE D 12 -1.80 -5.65 -1.91
N ALA D 13 -0.97 -5.21 -0.97
CA ALA D 13 0.42 -5.64 -0.89
C ALA D 13 0.62 -6.64 0.24
N THR D 14 1.31 -7.73 -0.03
CA THR D 14 1.46 -8.78 0.95
C THR D 14 2.91 -9.19 1.04
N ASN D 15 3.34 -9.57 2.23
CA ASN D 15 4.69 -10.02 2.44
C ASN D 15 4.71 -11.54 2.43
N LEU D 16 4.55 -12.10 1.25
CA LEU D 16 4.45 -13.54 1.09
C LEU D 16 5.68 -14.26 1.60
N GLN D 17 6.86 -13.71 1.32
CA GLN D 17 8.11 -14.32 1.74
C GLN D 17 8.22 -14.46 3.26
N GLU D 18 7.84 -13.42 4.00
CA GLU D 18 7.73 -13.53 5.45
C GLU D 18 6.96 -14.81 5.83
N ILE D 19 5.79 -15.00 5.26
CA ILE D 19 4.96 -16.14 5.64
C ILE D 19 5.62 -17.46 5.28
N ARG D 20 6.21 -17.56 4.08
CA ARG D 20 6.87 -18.80 3.68
C ARG D 20 8.04 -19.19 4.57
N ASN D 21 8.86 -18.19 4.93
CA ASN D 21 10.00 -18.44 5.81
C ASN D 21 9.57 -19.11 7.09
N GLY D 22 8.44 -18.64 7.62
CA GLY D 22 7.87 -19.18 8.84
C GLY D 22 7.29 -20.57 8.68
N PHE D 23 6.61 -20.80 7.56
CA PHE D 23 5.97 -22.09 7.37
C PHE D 23 6.98 -23.21 7.11
N SER D 24 8.00 -22.91 6.31
CA SER D 24 9.04 -23.88 5.98
C SER D 24 9.66 -24.54 7.20
N GLU D 25 9.87 -23.78 8.27
CA GLU D 25 10.45 -24.38 9.46
C GLU D 25 9.58 -25.55 9.93
N ILE D 26 8.26 -25.42 9.78
CA ILE D 26 7.33 -26.44 10.27
C ILE D 26 6.67 -27.37 9.23
N ARG D 27 6.82 -27.08 7.95
CA ARG D 27 6.18 -27.88 6.92
C ARG D 27 6.26 -29.39 7.18
N GLY D 28 7.49 -29.91 7.21
CA GLY D 28 7.72 -31.33 7.28
C GLY D 28 6.99 -31.92 8.46
N SER D 29 7.05 -31.21 9.57
CA SER D 29 6.50 -31.70 10.82
C SER D 29 4.99 -31.82 10.73
N VAL D 30 4.36 -30.75 10.23
CA VAL D 30 2.91 -30.64 10.23
C VAL D 30 2.33 -31.60 9.21
N GLN D 31 3.03 -31.77 8.09
CA GLN D 31 2.54 -32.67 7.03
C GLN D 31 2.59 -34.12 7.49
N ALA D 32 3.48 -34.42 8.42
CA ALA D 32 3.61 -35.78 8.91
C ALA D 32 2.48 -36.18 9.86
N LYS D 33 1.87 -35.21 10.55
CA LYS D 33 0.68 -35.49 11.36
C LYS D 33 -0.58 -35.70 10.49
N ASP D 34 -0.43 -35.66 9.17
CA ASP D 34 -1.58 -35.72 8.26
C ASP D 34 -1.72 -37.08 7.56
N GLY D 35 -2.63 -37.89 8.07
CA GLY D 35 -2.80 -39.27 7.62
C GLY D 35 -3.58 -39.42 6.34
N ASN D 36 -4.39 -38.41 6.03
CA ASN D 36 -5.28 -38.50 4.90
C ASN D 36 -4.72 -38.08 3.55
N ILE D 37 -3.68 -38.77 3.09
CA ILE D 37 -3.00 -38.40 1.84
C ILE D 37 -3.88 -38.54 0.63
N ASP D 38 -5.08 -39.08 0.82
CA ASP D 38 -6.03 -39.26 -0.28
C ASP D 38 -7.07 -38.14 -0.43
N ILE D 39 -7.15 -37.26 0.57
CA ILE D 39 -8.01 -36.07 0.47
C ILE D 39 -7.21 -34.77 0.34
N ARG D 40 -7.51 -33.99 -0.70
CA ARG D 40 -6.90 -32.67 -0.83
C ARG D 40 -8.01 -31.60 -0.66
N ILE D 41 -7.76 -30.59 0.19
CA ILE D 41 -8.76 -29.58 0.50
C ILE D 41 -8.78 -28.45 -0.51
N LEU D 42 -7.58 -27.94 -0.82
CA LEU D 42 -7.41 -26.86 -1.77
C LEU D 42 -7.22 -27.47 -3.15
N ARG D 43 -8.32 -27.75 -3.84
CA ARG D 43 -8.27 -28.86 -4.78
C ARG D 43 -7.51 -28.65 -6.08
N ARG D 44 -7.44 -27.39 -6.55
CA ARG D 44 -6.67 -27.04 -7.78
C ARG D 44 -7.51 -26.51 -8.94
N THR D 45 -8.63 -27.16 -9.18
CA THR D 45 -9.64 -26.63 -10.07
C THR D 45 -10.17 -25.31 -9.47
N GLU D 46 -9.88 -25.09 -8.18
CA GLU D 46 -10.44 -23.98 -7.40
C GLU D 46 -9.45 -22.85 -7.11
N SER D 47 -8.47 -22.65 -8.00
CA SER D 47 -7.38 -21.74 -7.71
C SER D 47 -7.82 -20.28 -7.76
N LEU D 48 -7.04 -19.43 -7.12
CA LEU D 48 -7.30 -18.01 -7.09
C LEU D 48 -7.12 -17.39 -8.46
N GLN D 49 -6.13 -17.85 -9.22
CA GLN D 49 -5.87 -17.22 -10.52
C GLN D 49 -6.88 -17.64 -11.59
N ASP D 50 -7.53 -18.78 -11.37
CA ASP D 50 -8.56 -19.26 -12.29
C ASP D 50 -9.93 -18.70 -11.98
N THR D 51 -9.99 -17.71 -11.10
CA THR D 51 -11.25 -17.12 -10.68
C THR D 51 -11.44 -15.80 -11.38
N LYS D 52 -12.66 -15.51 -11.81
CA LYS D 52 -12.99 -14.23 -12.41
C LYS D 52 -12.62 -13.16 -11.40
N PRO D 53 -11.91 -12.12 -11.84
CA PRO D 53 -11.40 -11.13 -10.88
C PRO D 53 -12.47 -10.51 -9.96
N ALA D 54 -13.70 -10.41 -10.44
CA ALA D 54 -14.73 -9.77 -9.63
C ALA D 54 -15.06 -10.67 -8.44
N ASN D 55 -14.43 -11.84 -8.42
CA ASN D 55 -14.70 -12.84 -7.40
C ASN D 55 -13.49 -13.25 -6.52
N ARG D 56 -12.29 -12.93 -6.97
CA ARG D 56 -11.10 -13.31 -6.22
C ARG D 56 -11.10 -12.81 -4.78
N CYS D 57 -11.33 -11.51 -4.61
CA CYS D 57 -11.35 -10.93 -3.28
C CYS D 57 -12.24 -11.71 -2.33
N CYS D 58 -13.52 -11.85 -2.70
CA CYS D 58 -14.47 -12.57 -1.86
C CYS D 58 -13.88 -13.92 -1.46
N LEU D 59 -13.42 -14.68 -2.45
CA LEU D 59 -12.83 -16.00 -2.23
C LEU D 59 -11.71 -15.97 -1.18
N LEU D 60 -10.78 -15.03 -1.34
CA LEU D 60 -9.62 -14.98 -0.45
C LEU D 60 -10.01 -14.55 0.96
N ARG D 61 -10.87 -13.53 1.06
CA ARG D 61 -11.41 -13.13 2.35
C ARG D 61 -11.97 -14.34 3.13
N HIS D 62 -12.79 -15.16 2.47
CA HIS D 62 -13.41 -16.31 3.12
C HIS D 62 -12.38 -17.33 3.53
N LEU D 63 -11.44 -17.57 2.63
CA LEU D 63 -10.35 -18.50 2.87
C LEU D 63 -9.51 -18.10 4.08
N LEU D 64 -9.15 -16.82 4.19
CA LEU D 64 -8.37 -16.38 5.35
C LEU D 64 -9.25 -16.46 6.61
N ARG D 65 -10.50 -16.03 6.50
CA ARG D 65 -11.41 -16.08 7.64
C ARG D 65 -11.53 -17.53 8.09
N LEU D 66 -11.50 -18.45 7.12
CA LEU D 66 -11.52 -19.86 7.44
C LEU D 66 -10.31 -20.26 8.28
N TYR D 67 -9.12 -19.94 7.80
CA TYR D 67 -7.89 -20.29 8.50
C TYR D 67 -7.82 -19.59 9.83
N LEU D 68 -8.11 -18.31 9.84
CA LEU D 68 -8.01 -17.56 11.08
C LEU D 68 -9.04 -18.04 12.06
N ASP D 69 -10.22 -18.40 11.59
CA ASP D 69 -11.31 -18.77 12.50
C ASP D 69 -11.18 -20.17 13.05
N ARG D 70 -10.67 -21.09 12.24
CA ARG D 70 -10.63 -22.45 12.74
C ARG D 70 -9.45 -23.34 12.39
N VAL D 71 -8.32 -22.77 11.96
CA VAL D 71 -7.11 -23.59 11.83
C VAL D 71 -6.01 -23.27 12.82
N PHE D 72 -5.54 -22.01 12.84
CA PHE D 72 -4.41 -21.59 13.68
C PHE D 72 -4.65 -21.77 15.18
N LYS D 73 -5.75 -21.23 15.68
CA LYS D 73 -6.06 -21.40 17.10
C LYS D 73 -6.17 -22.86 17.45
N ASN D 74 -6.86 -23.60 16.60
CA ASN D 74 -7.17 -24.98 16.88
C ASN D 74 -6.07 -26.01 16.66
N TYR D 75 -4.94 -25.60 16.10
CA TYR D 75 -3.86 -26.57 15.94
C TYR D 75 -3.25 -26.82 17.29
N GLN D 76 -3.12 -28.08 17.66
CA GLN D 76 -2.60 -28.38 18.99
C GLN D 76 -1.31 -29.15 18.99
N THR D 77 -0.34 -28.61 19.72
CA THR D 77 0.95 -29.23 19.85
C THR D 77 1.55 -28.83 21.18
N PRO D 78 2.46 -29.65 21.71
CA PRO D 78 3.20 -29.29 22.93
C PRO D 78 4.35 -28.35 22.58
N ASP D 79 5.05 -28.69 21.50
CA ASP D 79 6.23 -27.99 20.98
C ASP D 79 6.10 -26.45 20.94
N HIS D 80 6.83 -25.78 21.84
CA HIS D 80 6.91 -24.33 21.91
C HIS D 80 7.44 -23.69 20.64
N TYR D 81 8.46 -24.32 20.06
CA TYR D 81 8.99 -23.83 18.82
C TYR D 81 7.85 -23.60 17.85
N THR D 82 6.95 -24.57 17.79
CA THR D 82 5.89 -24.60 16.81
C THR D 82 4.77 -23.62 17.16
N LEU D 83 4.37 -23.58 18.43
CA LEU D 83 3.36 -22.61 18.85
C LEU D 83 3.79 -21.24 18.38
N ARG D 84 5.09 -20.98 18.44
CA ARG D 84 5.61 -19.66 18.09
C ARG D 84 5.47 -19.41 16.59
N LYS D 85 5.93 -20.37 15.78
CA LYS D 85 5.82 -20.27 14.32
C LYS D 85 4.38 -20.08 13.85
N ILE D 86 3.47 -20.83 14.44
CA ILE D 86 2.07 -20.70 14.10
C ILE D 86 1.53 -19.31 14.42
N SER D 87 1.90 -18.79 15.59
CA SER D 87 1.54 -17.41 15.95
C SER D 87 2.05 -16.39 14.92
N SER D 88 3.26 -16.59 14.41
CA SER D 88 3.77 -15.76 13.34
C SER D 88 2.89 -15.88 12.11
N LEU D 89 2.59 -17.11 11.68
CA LEU D 89 1.79 -17.26 10.48
C LEU D 89 0.45 -16.55 10.66
N ALA D 90 -0.25 -16.87 11.74
CA ALA D 90 -1.55 -16.28 12.04
C ALA D 90 -1.55 -14.75 12.06
N ASN D 91 -0.63 -14.15 12.81
CA ASN D 91 -0.52 -12.71 12.82
C ASN D 91 -0.19 -12.13 11.41
N SER D 92 0.65 -12.82 10.63
CA SER D 92 0.89 -12.37 9.24
C SER D 92 -0.40 -12.39 8.40
N PHE D 93 -1.22 -13.43 8.55
CA PHE D 93 -2.49 -13.51 7.82
C PHE D 93 -3.51 -12.49 8.34
N LEU D 94 -3.40 -12.15 9.60
CA LEU D 94 -4.30 -11.15 10.17
C LEU D 94 -4.11 -9.83 9.44
N THR D 95 -2.87 -9.48 9.11
CA THR D 95 -2.63 -8.23 8.40
C THR D 95 -3.31 -8.28 7.04
N ILE D 96 -3.31 -9.45 6.40
CA ILE D 96 -3.95 -9.55 5.09
C ILE D 96 -5.47 -9.45 5.23
N LYS D 97 -6.05 -10.20 6.16
CA LYS D 97 -7.46 -10.03 6.52
C LYS D 97 -7.83 -8.54 6.71
N LYS D 98 -7.09 -7.82 7.57
CA LYS D 98 -7.35 -6.40 7.80
C LYS D 98 -7.51 -5.61 6.51
N ASP D 99 -6.61 -5.83 5.55
CA ASP D 99 -6.64 -5.06 4.30
C ASP D 99 -7.77 -5.51 3.39
N LEU D 100 -8.11 -6.79 3.44
CA LEU D 100 -9.27 -7.27 2.70
C LEU D 100 -10.53 -6.74 3.37
N ARG D 101 -10.49 -6.64 4.70
CA ARG D 101 -11.63 -6.12 5.45
C ARG D 101 -11.87 -4.72 4.97
N LEU D 102 -10.79 -3.98 4.79
CA LEU D 102 -10.84 -2.63 4.27
C LEU D 102 -11.51 -2.63 2.91
N CYS D 103 -11.04 -3.49 2.00
CA CYS D 103 -11.66 -3.62 0.68
C CYS D 103 -13.19 -3.82 0.77
N HIS D 104 -13.60 -4.73 1.63
CA HIS D 104 -15.01 -5.04 1.80
C HIS D 104 -15.78 -3.76 2.09
N ALA D 105 -15.27 -2.99 3.05
CA ALA D 105 -15.95 -1.79 3.48
C ALA D 105 -16.04 -0.77 2.34
N HIS D 106 -15.07 -0.78 1.43
CA HIS D 106 -15.09 0.11 0.26
C HIS D 106 -15.85 -0.51 -0.90
N MET D 107 -16.65 -1.54 -0.62
CA MET D 107 -17.46 -2.21 -1.67
C MET D 107 -16.65 -2.65 -2.88
N THR D 108 -15.60 -3.44 -2.66
CA THR D 108 -14.75 -3.91 -3.74
C THR D 108 -14.36 -5.36 -3.46
N CYS D 109 -15.02 -5.96 -2.49
CA CYS D 109 -14.86 -7.38 -2.20
C CYS D 109 -16.21 -8.03 -2.38
N HIS D 110 -16.73 -7.89 -3.61
CA HIS D 110 -18.06 -8.36 -3.99
C HIS D 110 -18.21 -9.88 -3.97
N CYS D 111 -19.15 -10.37 -3.18
CA CYS D 111 -19.43 -11.80 -3.11
C CYS D 111 -20.40 -12.34 -4.15
N GLY D 112 -19.93 -12.53 -5.38
CA GLY D 112 -20.73 -13.15 -6.44
C GLY D 112 -20.88 -14.66 -6.26
N GLU D 113 -21.74 -15.28 -7.05
CA GLU D 113 -22.02 -16.71 -6.86
C GLU D 113 -20.84 -17.60 -7.24
N GLU D 114 -20.08 -17.23 -8.26
CA GLU D 114 -18.87 -18.00 -8.59
C GLU D 114 -18.04 -18.13 -7.32
N ALA D 115 -17.81 -17.01 -6.64
CA ALA D 115 -17.00 -17.00 -5.42
C ALA D 115 -17.66 -17.84 -4.30
N MET D 116 -18.94 -17.59 -4.07
CA MET D 116 -19.64 -18.33 -3.05
C MET D 116 -19.70 -19.84 -3.31
N LYS D 117 -19.61 -20.24 -4.58
CA LYS D 117 -19.67 -21.67 -4.93
C LYS D 117 -18.33 -22.35 -4.70
N LYS D 118 -17.26 -21.76 -5.21
CA LYS D 118 -15.95 -22.37 -5.01
C LYS D 118 -15.67 -22.45 -3.53
N TYR D 119 -16.05 -21.41 -2.78
CA TYR D 119 -15.79 -21.46 -1.35
C TYR D 119 -16.50 -22.64 -0.69
N SER D 120 -17.80 -22.78 -0.94
CA SER D 120 -18.54 -23.87 -0.33
C SER D 120 -17.98 -25.29 -0.63
N GLN D 121 -17.35 -25.47 -1.79
CA GLN D 121 -16.70 -26.74 -2.06
C GLN D 121 -15.51 -26.93 -1.13
N ILE D 122 -14.60 -25.97 -1.16
CA ILE D 122 -13.46 -25.99 -0.25
C ILE D 122 -13.97 -26.25 1.17
N LEU D 123 -14.91 -25.42 1.62
CA LEU D 123 -15.44 -25.59 2.97
C LEU D 123 -15.95 -27.02 3.18
N SER D 124 -16.54 -27.61 2.16
CA SER D 124 -17.04 -28.96 2.31
C SER D 124 -15.93 -30.02 2.39
N HIS D 125 -14.88 -29.90 1.57
CA HIS D 125 -13.73 -30.78 1.74
C HIS D 125 -13.17 -30.74 3.17
N PHE D 126 -13.25 -29.56 3.80
CA PHE D 126 -12.74 -29.34 5.17
C PHE D 126 -13.68 -29.93 6.25
N GLU D 127 -14.98 -29.94 5.98
CA GLU D 127 -15.95 -30.47 6.93
C GLU D 127 -16.22 -31.96 6.76
N LYS D 128 -15.83 -32.54 5.64
CA LYS D 128 -15.82 -33.98 5.49
C LYS D 128 -15.06 -34.61 6.64
N LEU D 129 -13.88 -34.05 6.95
CA LEU D 129 -12.92 -34.64 7.88
C LEU D 129 -13.21 -34.42 9.37
N GLU D 130 -12.64 -35.28 10.21
CA GLU D 130 -12.70 -35.07 11.64
C GLU D 130 -11.98 -33.76 11.99
N PRO D 131 -12.65 -32.91 12.79
CA PRO D 131 -12.12 -31.64 13.31
C PRO D 131 -10.59 -31.53 13.34
N GLN D 132 -9.91 -32.22 14.24
CA GLN D 132 -8.49 -31.95 14.38
C GLN D 132 -7.66 -32.46 13.19
N ALA D 133 -8.21 -33.40 12.44
CA ALA D 133 -7.55 -33.87 11.21
C ALA D 133 -7.68 -32.82 10.11
N ALA D 134 -8.78 -32.08 10.15
CA ALA D 134 -9.05 -31.08 9.14
C ALA D 134 -8.15 -29.88 9.34
N VAL D 135 -7.91 -29.48 10.60
CA VAL D 135 -7.04 -28.32 10.85
C VAL D 135 -5.60 -28.69 10.57
N VAL D 136 -5.19 -29.89 10.95
CA VAL D 136 -3.86 -30.38 10.58
C VAL D 136 -3.66 -30.44 9.07
N LYS D 137 -4.67 -30.88 8.33
CA LYS D 137 -4.52 -30.95 6.88
C LYS D 137 -4.45 -29.54 6.27
N ALA D 138 -5.28 -28.63 6.79
CA ALA D 138 -5.32 -27.30 6.21
C ALA D 138 -4.01 -26.59 6.44
N LEU D 139 -3.39 -26.83 7.60
CA LEU D 139 -2.17 -26.11 7.97
C LEU D 139 -1.02 -26.55 7.09
N GLY D 140 -1.00 -27.83 6.75
CA GLY D 140 0.04 -28.40 5.94
C GLY D 140 -0.14 -28.05 4.48
N GLU D 141 -1.33 -27.56 4.13
CA GLU D 141 -1.57 -27.17 2.76
C GLU D 141 -1.35 -25.67 2.56
N LEU D 142 -0.73 -25.01 3.54
CA LEU D 142 -0.35 -23.59 3.38
C LEU D 142 0.42 -23.31 2.10
N ASP D 143 1.37 -24.19 1.77
CA ASP D 143 2.26 -23.94 0.63
C ASP D 143 1.46 -23.79 -0.65
N ILE D 144 0.29 -24.45 -0.70
CA ILE D 144 -0.65 -24.30 -1.82
C ILE D 144 -1.38 -22.97 -1.73
N LEU D 145 -1.80 -22.56 -0.55
CA LEU D 145 -2.47 -21.28 -0.39
C LEU D 145 -1.53 -20.15 -0.80
N LEU D 146 -0.30 -20.15 -0.28
CA LEU D 146 0.67 -19.11 -0.65
C LEU D 146 0.97 -19.12 -2.14
N GLN D 147 0.97 -20.30 -2.73
CA GLN D 147 1.24 -20.38 -4.15
C GLN D 147 0.06 -19.78 -4.92
N TRP D 148 -1.14 -19.99 -4.41
CA TRP D 148 -2.32 -19.46 -5.09
C TRP D 148 -2.24 -17.95 -5.12
N MET D 149 -1.62 -17.38 -4.09
CA MET D 149 -1.52 -15.93 -3.98
C MET D 149 -0.41 -15.43 -4.91
N GLU D 150 0.75 -16.08 -4.87
CA GLU D 150 1.86 -15.73 -5.75
C GLU D 150 1.43 -15.79 -7.23
N GLU D 151 0.56 -16.75 -7.56
CA GLU D 151 0.16 -17.03 -8.94
C GLU D 151 -0.83 -16.00 -9.51
N THR D 152 -1.42 -15.17 -8.65
CA THR D 152 -2.35 -14.17 -9.16
C THR D 152 -1.53 -12.95 -9.62
N GLU D 153 -0.81 -13.14 -10.73
CA GLU D 153 0.15 -12.16 -11.27
C GLU D 153 0.46 -10.94 -10.37
N ILE E 6 4.91 -12.03 47.55
CA ILE E 6 5.83 -11.01 48.05
C ILE E 6 6.83 -10.49 46.99
N LEU E 7 7.54 -11.39 46.29
CA LEU E 7 8.51 -11.02 45.25
C LEU E 7 7.89 -10.06 44.22
N PRO E 8 8.25 -8.76 44.30
CA PRO E 8 7.53 -7.70 43.55
C PRO E 8 7.62 -7.89 42.03
N ALA E 9 6.67 -7.35 41.27
CA ALA E 9 6.63 -7.56 39.82
C ALA E 9 7.38 -6.48 39.02
N PRO E 10 8.29 -6.90 38.12
CA PRO E 10 9.16 -6.01 37.36
C PRO E 10 8.49 -4.70 37.00
N GLN E 11 9.27 -3.62 36.98
CA GLN E 11 8.73 -2.27 36.77
C GLN E 11 9.37 -1.51 35.61
N GLN E 12 8.71 -0.42 35.21
CA GLN E 12 9.14 0.36 34.05
C GLN E 12 9.50 -0.57 32.89
N LEU E 13 8.49 -1.02 32.16
CA LEU E 13 8.73 -1.83 30.96
C LEU E 13 8.63 -0.94 29.73
N SER E 14 9.54 -1.14 28.79
CA SER E 14 9.57 -0.37 27.55
C SER E 14 10.17 -1.22 26.43
N VAL E 15 9.97 -0.81 25.18
CA VAL E 15 10.69 -1.46 24.09
C VAL E 15 11.61 -0.54 23.32
N LEU E 16 12.89 -0.90 23.28
CA LEU E 16 13.86 -0.19 22.45
C LEU E 16 13.98 -0.87 21.09
N SER E 17 13.51 -0.20 20.05
CA SER E 17 13.59 -0.76 18.70
C SER E 17 14.43 0.09 17.77
N THR E 18 15.60 -0.42 17.40
CA THR E 18 16.36 0.20 16.31
C THR E 18 16.67 -0.82 15.24
N ASN E 19 16.38 -0.45 13.99
CA ASN E 19 16.68 -1.25 12.81
C ASN E 19 16.09 -2.63 12.85
N MET E 20 14.83 -2.69 13.26
CA MET E 20 14.12 -3.95 13.30
C MET E 20 14.71 -4.96 14.29
N LYS E 21 15.43 -4.45 15.29
CA LYS E 21 15.82 -5.27 16.43
C LYS E 21 15.06 -4.67 17.59
N HIS E 22 14.40 -5.53 18.36
CA HIS E 22 13.50 -5.07 19.41
C HIS E 22 13.95 -5.58 20.77
N LEU E 23 14.12 -4.67 21.71
CA LEU E 23 14.60 -5.04 23.06
C LEU E 23 13.66 -4.53 24.15
N LEU E 24 13.16 -5.45 24.96
CA LEU E 24 12.19 -5.09 25.99
C LEU E 24 12.89 -4.99 27.34
N MET E 25 12.64 -3.91 28.06
CA MET E 25 13.37 -3.67 29.30
C MET E 25 12.46 -3.25 30.46
N TRP E 26 12.91 -3.61 31.68
CA TRP E 26 12.19 -3.30 32.90
C TRP E 26 13.20 -2.98 34.01
N SER E 27 12.84 -2.11 34.95
CA SER E 27 13.67 -1.87 36.12
C SER E 27 13.88 -3.23 36.76
N PRO E 28 15.13 -3.58 37.07
CA PRO E 28 15.34 -4.94 37.62
C PRO E 28 14.57 -5.16 38.92
N VAL E 29 14.47 -6.44 39.30
CA VAL E 29 13.78 -6.84 40.52
C VAL E 29 14.82 -7.08 41.61
N ILE E 30 14.97 -6.07 42.45
CA ILE E 30 16.07 -6.04 43.41
C ILE E 30 15.73 -6.88 44.65
N ALA E 31 16.26 -8.09 44.67
CA ALA E 31 15.95 -9.04 45.75
C ALA E 31 17.19 -9.76 46.28
N PRO E 32 17.14 -10.16 47.57
CA PRO E 32 18.21 -10.89 48.23
C PRO E 32 17.87 -12.37 48.15
N GLY E 33 18.88 -13.21 47.95
CA GLY E 33 18.68 -14.64 47.84
C GLY E 33 19.65 -15.19 46.82
N GLU E 34 19.11 -15.69 45.71
CA GLU E 34 19.95 -16.05 44.57
C GLU E 34 19.85 -14.97 43.50
N THR E 35 20.47 -15.24 42.35
CA THR E 35 20.38 -14.37 41.19
C THR E 35 18.96 -14.45 40.63
N VAL E 36 18.24 -13.32 40.58
CA VAL E 36 16.88 -13.33 40.04
C VAL E 36 16.84 -13.80 38.59
N TYR E 37 15.83 -14.58 38.25
CA TYR E 37 15.60 -14.93 36.85
C TYR E 37 14.25 -14.42 36.34
N TYR E 38 14.15 -14.29 35.02
CA TYR E 38 13.00 -13.63 34.40
C TYR E 38 12.33 -14.45 33.32
N SER E 39 11.03 -14.25 33.17
CA SER E 39 10.32 -14.89 32.08
C SER E 39 9.41 -13.94 31.32
N VAL E 40 9.50 -14.04 29.99
CA VAL E 40 8.82 -13.13 29.09
C VAL E 40 7.86 -13.87 28.16
N GLU E 41 6.68 -13.27 27.99
CA GLU E 41 5.65 -13.88 27.20
C GLU E 41 4.99 -12.83 26.34
N TYR E 42 4.71 -13.18 25.09
CA TYR E 42 3.99 -12.28 24.22
C TYR E 42 2.69 -12.81 23.70
N GLN E 43 1.84 -11.89 23.25
CA GLN E 43 0.70 -12.26 22.45
C GLN E 43 0.55 -11.25 21.32
N GLY E 44 0.41 -11.74 20.08
CA GLY E 44 0.22 -10.86 18.94
C GLY E 44 -1.24 -10.46 18.84
N GLU E 45 -1.56 -9.56 17.91
CA GLU E 45 -2.92 -9.05 17.81
C GLU E 45 -3.88 -10.19 17.56
N TYR E 46 -3.49 -11.11 16.69
CA TYR E 46 -4.29 -12.31 16.50
C TYR E 46 -4.65 -12.98 17.84
N GLU E 47 -3.64 -13.42 18.60
CA GLU E 47 -3.93 -14.01 19.90
C GLU E 47 -4.85 -13.11 20.74
N SER E 48 -4.61 -11.81 20.70
CA SER E 48 -5.44 -10.84 21.43
C SER E 48 -6.92 -10.93 21.08
N LEU E 49 -7.21 -11.05 19.80
CA LEU E 49 -8.58 -10.93 19.34
C LEU E 49 -9.30 -12.28 19.38
N TYR E 50 -8.54 -13.34 19.15
CA TYR E 50 -9.15 -14.64 18.91
C TYR E 50 -9.01 -15.60 20.08
N THR E 51 -7.97 -15.43 20.88
CA THR E 51 -7.71 -16.34 21.99
C THR E 51 -7.08 -15.60 23.16
N SER E 52 -7.84 -14.63 23.65
CA SER E 52 -7.34 -13.60 24.56
C SER E 52 -6.67 -14.05 25.87
N HIS E 53 -6.71 -15.33 26.20
CA HIS E 53 -6.09 -15.79 27.43
C HIS E 53 -4.84 -16.63 27.19
N ILE E 54 -4.52 -16.88 25.92
CA ILE E 54 -3.28 -17.57 25.58
C ILE E 54 -2.11 -16.61 25.38
N TRP E 55 -1.02 -16.85 26.09
CA TRP E 55 0.23 -16.13 25.87
C TRP E 55 1.29 -17.07 25.29
N ILE E 56 2.05 -16.62 24.30
CA ILE E 56 3.14 -17.44 23.83
C ILE E 56 4.38 -17.10 24.65
N PRO E 57 5.19 -18.12 24.95
CA PRO E 57 6.45 -17.90 25.69
C PRO E 57 7.52 -17.44 24.73
N SER E 58 8.21 -16.35 25.07
CA SER E 58 9.23 -15.78 24.21
C SER E 58 10.34 -16.78 23.96
N SER E 59 10.94 -16.74 22.78
CA SER E 59 11.91 -17.76 22.43
C SER E 59 13.21 -17.70 23.22
N TRP E 60 13.52 -16.57 23.83
CA TRP E 60 14.84 -16.45 24.46
C TRP E 60 14.80 -16.18 25.94
N CYS E 61 13.63 -15.85 26.47
CA CYS E 61 13.54 -15.31 27.81
C CYS E 61 12.58 -16.08 28.69
N SER E 62 12.76 -17.39 28.73
CA SER E 62 12.02 -18.22 29.66
C SER E 62 12.99 -18.59 30.78
N LEU E 63 13.15 -17.70 31.76
CA LEU E 63 14.10 -17.86 32.87
C LEU E 63 15.54 -17.42 32.53
N THR E 64 15.72 -16.12 32.28
CA THR E 64 17.03 -15.57 32.03
C THR E 64 17.33 -14.49 33.05
N GLU E 65 18.59 -14.08 33.10
CA GLU E 65 19.11 -13.27 34.21
C GLU E 65 18.87 -11.75 34.18
N GLY E 66 19.21 -11.12 33.06
CA GLY E 66 19.16 -9.67 32.94
C GLY E 66 17.75 -9.12 32.89
N PRO E 67 17.59 -7.82 33.17
CA PRO E 67 16.30 -7.13 33.16
C PRO E 67 15.97 -6.67 31.73
N GLU E 68 16.37 -7.46 30.76
CA GLU E 68 16.11 -7.15 29.35
C GLU E 68 16.09 -8.42 28.46
N CYS E 69 15.39 -8.31 27.33
CA CYS E 69 15.19 -9.47 26.47
C CYS E 69 15.04 -9.07 25.01
N ASP E 70 15.62 -9.87 24.13
CA ASP E 70 15.53 -9.67 22.68
C ASP E 70 14.30 -10.41 22.12
N VAL E 71 13.24 -9.65 21.82
CA VAL E 71 12.00 -10.24 21.32
C VAL E 71 11.94 -10.19 19.80
N THR E 72 13.09 -9.99 19.17
CA THR E 72 13.18 -9.81 17.73
C THR E 72 12.59 -10.97 16.97
N ASP E 73 12.94 -12.18 17.39
CA ASP E 73 12.47 -13.41 16.76
C ASP E 73 10.98 -13.68 17.02
N ASP E 74 10.45 -13.03 18.05
CA ASP E 74 9.05 -13.16 18.42
C ASP E 74 8.16 -12.12 17.73
N ILE E 75 8.63 -10.87 17.60
CA ILE E 75 7.78 -9.92 16.88
C ILE E 75 8.00 -10.04 15.38
N THR E 76 7.07 -10.69 14.71
CA THR E 76 7.29 -11.13 13.34
C THR E 76 6.20 -10.77 12.35
N ALA E 77 5.24 -9.94 12.77
CA ALA E 77 4.27 -9.38 11.85
C ALA E 77 4.07 -7.90 12.22
N THR E 78 3.51 -7.14 11.31
CA THR E 78 3.26 -5.74 11.60
C THR E 78 1.88 -5.54 12.23
N VAL E 79 1.81 -5.87 13.51
CA VAL E 79 0.62 -5.67 14.33
C VAL E 79 1.07 -5.30 15.73
N PRO E 80 0.18 -4.70 16.52
CA PRO E 80 0.51 -4.45 17.92
C PRO E 80 0.72 -5.77 18.68
N TYR E 81 1.78 -5.87 19.47
CA TYR E 81 2.00 -7.06 20.28
C TYR E 81 1.91 -6.62 21.72
N ASN E 82 1.38 -7.47 22.59
CA ASN E 82 1.49 -7.25 24.01
C ASN E 82 2.67 -8.04 24.52
N LEU E 83 3.31 -7.54 25.56
CA LEU E 83 4.34 -8.31 26.21
C LEU E 83 4.14 -8.25 27.72
N ARG E 84 4.65 -9.26 28.42
CA ARG E 84 4.57 -9.29 29.86
C ARG E 84 5.68 -10.19 30.38
N VAL E 85 6.05 -9.95 31.62
CA VAL E 85 7.24 -10.53 32.19
C VAL E 85 7.01 -10.77 33.66
N ARG E 86 7.71 -11.77 34.18
CA ARG E 86 7.64 -12.08 35.61
C ARG E 86 9.00 -12.51 36.13
N ALA E 87 9.15 -12.32 37.44
CA ALA E 87 10.39 -12.59 38.14
C ALA E 87 10.25 -13.82 39.00
N THR E 88 11.25 -14.68 38.97
CA THR E 88 11.30 -15.84 39.85
C THR E 88 12.68 -15.98 40.54
N LEU E 89 12.66 -15.95 41.87
CA LEU E 89 13.84 -16.30 42.67
C LEU E 89 13.67 -17.68 43.32
N GLY E 90 14.25 -18.70 42.68
CA GLY E 90 14.18 -20.08 43.13
C GLY E 90 12.76 -20.63 43.31
N SER E 91 12.17 -20.32 44.46
CA SER E 91 10.86 -20.85 44.85
C SER E 91 9.73 -19.85 44.56
N GLN E 92 9.85 -18.64 45.11
CA GLN E 92 8.88 -17.57 44.85
C GLN E 92 8.82 -17.26 43.34
N THR E 93 7.66 -16.75 42.90
CA THR E 93 7.53 -16.19 41.56
C THR E 93 6.65 -14.93 41.60
N SER E 94 7.09 -13.89 40.89
CA SER E 94 6.40 -12.59 40.91
C SER E 94 5.06 -12.59 40.15
N ALA E 95 4.31 -11.50 40.26
CA ALA E 95 3.14 -11.31 39.41
C ALA E 95 3.61 -10.86 38.01
N TRP E 96 2.75 -10.98 37.00
CA TRP E 96 3.09 -10.57 35.62
C TRP E 96 2.97 -9.05 35.49
N SER E 97 4.05 -8.39 35.06
CA SER E 97 3.89 -7.00 34.71
C SER E 97 3.71 -6.86 33.19
N ILE E 98 2.71 -6.08 32.81
CA ILE E 98 2.31 -5.92 31.41
C ILE E 98 2.79 -4.63 30.76
N LEU E 99 3.27 -4.70 29.52
CA LEU E 99 3.67 -3.52 28.77
C LEU E 99 2.52 -2.54 28.56
N LYS E 100 2.71 -1.29 28.99
CA LYS E 100 1.64 -0.29 28.98
C LYS E 100 1.01 -0.02 27.60
N HIS E 101 1.82 -0.05 26.55
CA HIS E 101 1.30 0.20 25.20
C HIS E 101 1.81 -0.86 24.21
N PRO E 102 0.88 -1.63 23.63
CA PRO E 102 1.31 -2.72 22.75
C PRO E 102 2.35 -2.22 21.76
N PHE E 103 3.45 -2.97 21.64
CA PHE E 103 4.50 -2.63 20.70
C PHE E 103 4.14 -2.94 19.26
N ASN E 104 4.51 -2.04 18.36
CA ASN E 104 4.36 -2.28 16.93
C ASN E 104 5.68 -2.00 16.21
N ARG E 105 6.19 -2.98 15.48
CA ARG E 105 7.45 -2.80 14.78
C ARG E 105 7.42 -1.61 13.81
N GLN E 106 6.22 -1.14 13.48
CA GLN E 106 6.08 0.01 12.62
C GLN E 106 6.85 1.24 13.17
N SER E 107 7.23 1.18 14.44
CA SER E 107 7.77 2.35 15.09
C SER E 107 9.28 2.25 15.33
N THR E 108 9.89 1.22 14.78
CA THR E 108 11.32 1.03 14.98
C THR E 108 12.11 2.24 14.48
N ILE E 109 13.30 2.48 15.06
CA ILE E 109 14.13 3.60 14.67
C ILE E 109 15.01 3.21 13.50
N LEU E 110 14.83 3.85 12.35
CA LEU E 110 15.62 3.54 11.15
C LEU E 110 16.86 4.45 11.02
N THR E 111 18.00 3.79 10.93
CA THR E 111 19.32 4.42 10.93
C THR E 111 19.83 4.58 9.50
N ARG E 112 20.66 5.59 9.27
CA ARG E 112 21.30 5.81 7.97
C ARG E 112 22.27 4.66 7.72
N PRO E 113 22.17 4.02 6.55
CA PRO E 113 22.97 2.82 6.33
C PRO E 113 24.48 3.06 6.33
N GLY E 114 25.22 2.07 6.82
CA GLY E 114 26.66 2.00 6.59
C GLY E 114 26.90 1.76 5.12
N MET E 115 27.94 2.38 4.58
CA MET E 115 28.11 2.35 3.14
C MET E 115 29.58 2.38 2.75
N GLU E 116 29.98 1.40 1.94
CA GLU E 116 31.38 1.24 1.56
C GLU E 116 31.46 1.26 0.03
N ILE E 117 32.01 2.34 -0.52
CA ILE E 117 32.15 2.53 -1.97
C ILE E 117 33.58 2.18 -2.40
N THR E 118 33.72 1.56 -3.55
CA THR E 118 35.04 1.18 -4.04
C THR E 118 35.07 1.27 -5.55
N LYS E 119 36.29 1.19 -6.07
CA LYS E 119 36.54 1.39 -7.48
C LYS E 119 37.36 0.21 -7.93
N ASP E 120 36.89 -0.49 -8.96
CA ASP E 120 37.76 -1.46 -9.61
C ASP E 120 37.96 -0.96 -11.01
N GLY E 121 38.99 -0.15 -11.16
CA GLY E 121 39.25 0.52 -12.41
C GLY E 121 38.12 1.49 -12.65
N PHE E 122 37.36 1.23 -13.70
CA PHE E 122 36.26 2.10 -14.07
C PHE E 122 34.94 1.61 -13.49
N HIS E 123 34.96 0.53 -12.75
CA HIS E 123 33.73 -0.02 -12.23
C HIS E 123 33.45 0.43 -10.81
N LEU E 124 32.28 1.04 -10.66
CA LEU E 124 31.80 1.55 -9.40
C LEU E 124 31.04 0.44 -8.69
N VAL E 125 31.32 0.29 -7.41
CA VAL E 125 30.88 -0.86 -6.64
C VAL E 125 30.60 -0.45 -5.20
N ILE E 126 29.56 -1.03 -4.61
CA ILE E 126 29.13 -0.65 -3.27
C ILE E 126 28.93 -1.88 -2.40
N GLU E 127 29.09 -1.73 -1.09
CA GLU E 127 28.84 -2.81 -0.15
C GLU E 127 28.15 -2.20 1.06
N LEU E 128 26.93 -2.62 1.34
CA LEU E 128 26.15 -1.95 2.37
C LEU E 128 26.19 -2.66 3.72
N GLU E 129 25.86 -1.92 4.77
CA GLU E 129 25.73 -2.48 6.11
C GLU E 129 24.79 -3.67 6.03
N ASP E 130 25.13 -4.77 6.71
CA ASP E 130 24.27 -5.95 6.71
C ASP E 130 23.25 -5.88 7.82
N LEU E 131 22.09 -5.32 7.52
CA LEU E 131 21.06 -5.12 8.51
C LEU E 131 20.10 -6.31 8.63
N GLY E 132 20.30 -7.31 7.79
CA GLY E 132 19.45 -8.48 7.80
C GLY E 132 18.45 -8.48 6.68
N PRO E 133 17.73 -9.60 6.55
CA PRO E 133 16.80 -9.78 5.42
C PRO E 133 15.60 -8.83 5.46
N GLN E 134 15.28 -8.28 6.63
CA GLN E 134 14.20 -7.29 6.70
C GLN E 134 14.47 -6.04 5.86
N PHE E 135 15.73 -5.85 5.47
CA PHE E 135 16.18 -4.61 4.82
C PHE E 135 16.49 -4.77 3.33
N GLU E 136 16.14 -3.72 2.58
CA GLU E 136 16.56 -3.56 1.20
C GLU E 136 17.29 -2.20 1.07
N PHE E 137 18.02 -1.97 -0.01
CA PHE E 137 18.73 -0.69 -0.12
C PHE E 137 18.47 0.03 -1.44
N LEU E 138 18.00 1.27 -1.31
CA LEU E 138 17.93 2.12 -2.47
C LEU E 138 19.23 2.89 -2.57
N VAL E 139 20.01 2.60 -3.61
CA VAL E 139 21.22 3.37 -3.87
C VAL E 139 20.99 4.43 -4.95
N ALA E 140 21.40 5.66 -4.63
CA ALA E 140 21.36 6.79 -5.57
C ALA E 140 22.78 7.17 -5.99
N TYR E 141 23.01 7.18 -7.31
CA TYR E 141 24.31 7.57 -7.89
C TYR E 141 24.18 8.37 -9.17
N TRP E 142 25.07 9.32 -9.34
CA TRP E 142 25.13 10.14 -10.54
C TRP E 142 26.55 10.59 -10.82
N ARG E 143 26.80 10.91 -12.09
CA ARG E 143 28.00 11.65 -12.52
C ARG E 143 27.95 13.06 -11.94
N ARG E 144 29.02 13.48 -11.26
CA ARG E 144 29.07 14.81 -10.62
C ARG E 144 29.36 15.87 -11.66
N GLU E 145 28.34 16.14 -12.48
CA GLU E 145 28.38 17.14 -13.52
C GLU E 145 27.00 17.76 -13.61
N PRO E 146 26.94 19.06 -13.94
CA PRO E 146 25.66 19.78 -13.94
C PRO E 146 24.57 19.10 -14.78
N GLY E 147 24.93 18.52 -15.93
CA GLY E 147 23.95 17.85 -16.76
C GLY E 147 23.29 16.63 -16.13
N ALA E 148 24.13 15.70 -15.68
CA ALA E 148 23.71 14.34 -15.28
C ALA E 148 22.51 14.25 -14.35
N GLU E 149 21.93 13.06 -14.29
CA GLU E 149 20.76 12.80 -13.46
C GLU E 149 20.91 11.58 -12.54
N GLU E 150 20.04 11.53 -11.53
CA GLU E 150 20.06 10.50 -10.53
C GLU E 150 19.66 9.13 -11.09
N HIS E 151 20.55 8.17 -10.96
CA HIS E 151 20.21 6.78 -11.23
C HIS E 151 19.83 6.13 -9.89
N VAL E 152 18.80 5.29 -9.88
CA VAL E 152 18.44 4.58 -8.67
C VAL E 152 18.59 3.09 -8.90
N LYS E 153 19.39 2.43 -8.08
CA LYS E 153 19.43 0.96 -8.14
C LYS E 153 19.08 0.33 -6.79
N MET E 154 18.48 -0.85 -6.86
CA MET E 154 18.11 -1.62 -5.67
C MET E 154 19.12 -2.72 -5.33
N VAL E 155 19.39 -2.86 -4.05
CA VAL E 155 20.35 -3.83 -3.57
C VAL E 155 19.70 -4.61 -2.43
N ARG E 156 19.70 -5.93 -2.55
CA ARG E 156 18.84 -6.74 -1.71
C ARG E 156 19.47 -7.05 -0.37
N SER E 157 20.78 -7.28 -0.38
CA SER E 157 21.46 -7.69 0.83
C SER E 157 22.73 -6.89 1.05
N GLY E 158 23.21 -6.90 2.28
CA GLY E 158 24.29 -6.04 2.70
C GLY E 158 25.64 -6.71 2.70
N GLY E 159 25.66 -8.03 2.73
CA GLY E 159 26.96 -8.67 2.74
C GLY E 159 27.84 -8.35 1.55
N ILE E 160 27.24 -7.84 0.48
CA ILE E 160 27.77 -8.10 -0.85
C ILE E 160 28.25 -6.90 -1.67
N PRO E 161 29.47 -6.99 -2.19
CA PRO E 161 29.95 -6.00 -3.17
C PRO E 161 29.15 -6.08 -4.44
N VAL E 162 28.36 -5.05 -4.70
CA VAL E 162 27.47 -5.02 -5.85
C VAL E 162 27.96 -4.02 -6.89
N HIS E 163 27.74 -4.32 -8.16
CA HIS E 163 28.12 -3.44 -9.24
C HIS E 163 27.10 -2.33 -9.46
N LEU E 164 27.55 -1.07 -9.36
CA LEU E 164 26.73 0.12 -9.60
C LEU E 164 26.71 0.62 -11.04
N GLU E 165 27.87 1.01 -11.55
CA GLU E 165 27.94 1.47 -12.93
C GLU E 165 29.33 1.40 -13.49
N THR E 166 29.44 1.52 -14.80
CA THR E 166 30.72 1.66 -15.46
C THR E 166 31.00 3.14 -15.73
N MET E 167 31.76 3.78 -14.85
CA MET E 167 32.16 5.18 -15.04
C MET E 167 32.99 5.45 -16.30
N GLU E 168 32.87 6.68 -16.82
CA GLU E 168 33.76 7.19 -17.88
C GLU E 168 34.73 8.21 -17.25
N PRO E 169 35.91 8.40 -17.86
CA PRO E 169 37.03 9.13 -17.25
C PRO E 169 36.72 10.59 -16.89
N GLY E 170 35.67 11.14 -17.52
CA GLY E 170 35.24 12.50 -17.26
C GLY E 170 35.06 13.03 -15.83
N ALA E 171 33.98 12.62 -15.17
CA ALA E 171 33.39 13.49 -14.13
C ALA E 171 33.67 13.26 -12.64
N ALA E 172 33.63 12.02 -12.17
CA ALA E 172 33.55 11.75 -10.74
C ALA E 172 32.11 11.46 -10.39
N TYR E 173 31.86 10.31 -9.76
CA TYR E 173 30.50 9.93 -9.40
C TYR E 173 30.16 10.08 -7.91
N CYS E 174 28.90 10.38 -7.63
CA CYS E 174 28.43 10.46 -6.25
C CYS E 174 27.42 9.36 -5.92
N VAL E 175 27.58 8.70 -4.78
CA VAL E 175 26.55 7.77 -4.34
C VAL E 175 26.04 8.07 -2.93
N LYS E 176 24.76 7.79 -2.72
CA LYS E 176 24.11 7.80 -1.39
C LYS E 176 23.07 6.67 -1.32
N ALA E 177 22.70 6.26 -0.11
CA ALA E 177 21.81 5.12 0.02
C ALA E 177 20.88 5.26 1.23
N GLN E 178 19.66 4.72 1.11
CA GLN E 178 18.73 4.64 2.24
C GLN E 178 18.20 3.22 2.36
N THR E 179 17.86 2.79 3.57
CA THR E 179 17.24 1.48 3.73
C THR E 179 15.75 1.57 3.48
N PHE E 180 15.17 0.46 3.00
CA PHE E 180 13.73 0.31 2.90
C PHE E 180 13.28 -0.96 3.57
N VAL E 181 12.38 -0.84 4.55
CA VAL E 181 11.82 -2.03 5.19
C VAL E 181 10.40 -2.30 4.71
N LYS E 182 10.23 -3.14 3.70
CA LYS E 182 8.93 -3.32 3.08
C LYS E 182 7.86 -3.77 4.05
N ALA E 183 8.27 -4.49 5.09
CA ALA E 183 7.41 -4.98 6.18
C ALA E 183 6.64 -3.88 6.93
N ILE E 184 7.21 -2.68 7.00
CA ILE E 184 6.55 -1.59 7.72
C ILE E 184 6.48 -0.35 6.85
N GLY E 185 6.89 -0.49 5.59
CA GLY E 185 6.79 0.55 4.58
C GLY E 185 7.38 1.90 4.96
N ARG E 186 8.67 1.89 5.31
CA ARG E 186 9.39 3.07 5.78
C ARG E 186 10.85 3.01 5.31
N TYR E 187 11.41 4.19 5.08
CA TYR E 187 12.80 4.33 4.65
C TYR E 187 13.60 4.99 5.75
N SER E 188 14.91 4.83 5.71
CA SER E 188 15.76 5.63 6.57
C SER E 188 16.06 6.91 5.81
N ALA E 189 16.75 7.84 6.49
CA ALA E 189 17.35 8.98 5.79
C ALA E 189 18.42 8.45 4.84
N PHE E 190 18.96 9.33 4.00
CA PHE E 190 20.12 8.95 3.19
C PHE E 190 21.42 9.11 3.97
N SER E 191 22.33 8.16 3.80
CA SER E 191 23.69 8.29 4.28
C SER E 191 24.36 9.48 3.61
N GLN E 192 25.40 10.03 4.23
CA GLN E 192 26.13 11.13 3.60
C GLN E 192 26.54 10.78 2.18
N THR E 193 26.36 11.70 1.24
CA THR E 193 26.84 11.44 -0.10
C THR E 193 28.36 11.29 -0.07
N GLU E 194 28.89 10.52 -1.01
CA GLU E 194 30.29 10.20 -1.04
C GLU E 194 30.69 10.09 -2.51
N CYS E 195 31.88 10.57 -2.89
CA CYS E 195 32.30 10.65 -4.30
C CYS E 195 33.67 10.06 -4.60
N VAL E 196 33.91 9.67 -5.85
CA VAL E 196 35.23 9.23 -6.29
C VAL E 196 35.52 9.61 -7.74
N GLU E 197 36.77 9.47 -8.19
CA GLU E 197 37.10 9.49 -9.62
C GLU E 197 38.28 8.57 -10.00
N VAL E 198 38.65 8.50 -11.28
CA VAL E 198 39.65 7.54 -11.80
C VAL E 198 40.81 8.11 -12.66
N LYS F 11 12.71 -52.72 5.30
CA LYS F 11 12.78 -51.80 6.42
C LYS F 11 13.65 -50.57 6.12
N PRO F 12 13.67 -50.08 4.86
CA PRO F 12 14.64 -49.05 4.46
C PRO F 12 14.51 -47.74 5.25
N ALA F 13 15.40 -46.78 4.99
CA ALA F 13 15.42 -45.54 5.77
C ALA F 13 16.08 -44.40 5.03
N ASN F 14 16.01 -43.21 5.64
CA ASN F 14 16.39 -41.93 5.01
C ASN F 14 15.77 -41.78 3.60
N ILE F 15 14.44 -41.79 3.53
CA ILE F 15 13.76 -41.68 2.24
C ILE F 15 13.54 -40.24 1.90
N THR F 16 14.08 -39.84 0.76
CA THR F 16 14.01 -38.43 0.38
C THR F 16 14.01 -38.33 -1.12
N PHE F 17 13.60 -37.18 -1.62
CA PHE F 17 13.72 -36.92 -3.05
C PHE F 17 14.94 -36.05 -3.30
N LEU F 18 15.48 -36.13 -4.51
CA LEU F 18 16.60 -35.30 -4.88
C LEU F 18 16.30 -34.75 -6.25
N SER F 19 15.79 -33.53 -6.27
CA SER F 19 15.30 -32.93 -7.49
C SER F 19 16.18 -31.77 -7.92
N ILE F 20 16.50 -31.72 -9.21
CA ILE F 20 17.18 -30.58 -9.83
C ILE F 20 16.71 -30.46 -11.28
N ASN F 21 16.41 -29.25 -11.72
CA ASN F 21 15.77 -29.04 -13.01
C ASN F 21 14.64 -30.04 -13.30
N MET F 22 13.70 -30.17 -12.36
CA MET F 22 12.54 -31.06 -12.49
C MET F 22 12.86 -32.56 -12.70
N LYS F 23 14.13 -32.89 -12.54
CA LYS F 23 14.57 -34.27 -12.55
C LYS F 23 14.53 -34.82 -11.13
N ASN F 24 13.46 -35.57 -10.84
CA ASN F 24 13.19 -36.01 -9.48
C ASN F 24 13.59 -37.47 -9.27
N VAL F 25 14.53 -37.67 -8.36
CA VAL F 25 15.04 -39.01 -8.06
C VAL F 25 14.84 -39.34 -6.58
N LEU F 26 14.12 -40.42 -6.32
CA LEU F 26 13.92 -40.85 -4.96
C LEU F 26 15.15 -41.64 -4.56
N GLN F 27 15.50 -41.59 -3.28
CA GLN F 27 16.69 -42.29 -2.80
C GLN F 27 16.52 -42.66 -1.35
N TRP F 28 17.19 -43.73 -0.97
CA TRP F 28 17.04 -44.27 0.37
C TRP F 28 18.36 -44.93 0.70
N THR F 29 18.48 -45.38 1.94
CA THR F 29 19.69 -46.05 2.36
C THR F 29 19.34 -47.46 2.81
N PRO F 30 20.13 -48.45 2.35
CA PRO F 30 19.98 -49.85 2.74
C PRO F 30 19.52 -49.96 4.18
N PRO F 31 18.66 -50.94 4.47
CA PRO F 31 17.99 -51.11 5.77
C PRO F 31 18.93 -51.22 6.95
N GLU F 32 18.87 -52.35 7.66
CA GLU F 32 19.62 -52.53 8.90
C GLU F 32 20.27 -53.90 9.00
N GLY F 33 20.43 -54.59 7.87
CA GLY F 33 20.99 -55.92 7.85
C GLY F 33 22.48 -55.94 8.08
N LEU F 34 22.93 -56.91 8.88
CA LEU F 34 24.36 -57.14 9.08
C LEU F 34 25.02 -57.26 7.71
N GLN F 35 24.44 -58.13 6.89
CA GLN F 35 24.95 -58.45 5.56
C GLN F 35 23.86 -58.30 4.51
N GLY F 36 22.87 -59.20 4.57
CA GLY F 36 21.78 -59.29 3.61
C GLY F 36 22.17 -58.82 2.23
N VAL F 37 23.43 -59.06 1.86
CA VAL F 37 24.04 -58.44 0.69
C VAL F 37 23.10 -58.32 -0.52
N LYS F 38 22.24 -59.31 -0.71
CA LYS F 38 21.21 -59.24 -1.74
C LYS F 38 19.82 -58.97 -1.19
N VAL F 39 19.60 -57.77 -0.68
CA VAL F 39 18.24 -57.27 -0.51
C VAL F 39 17.92 -56.54 -1.80
N THR F 40 16.69 -56.63 -2.23
CA THR F 40 16.26 -55.84 -3.37
C THR F 40 15.12 -54.95 -2.89
N TYR F 41 14.77 -53.94 -3.66
CA TYR F 41 13.75 -53.03 -3.20
C TYR F 41 12.66 -52.89 -4.23
N THR F 42 11.46 -52.57 -3.77
CA THR F 42 10.42 -52.10 -4.70
C THR F 42 9.82 -50.78 -4.20
N VAL F 43 9.71 -49.81 -5.10
CA VAL F 43 9.15 -48.51 -4.76
C VAL F 43 7.83 -48.24 -5.49
N GLN F 44 6.86 -47.71 -4.76
CA GLN F 44 5.59 -47.25 -5.32
C GLN F 44 5.46 -45.74 -5.14
N TYR F 45 4.67 -45.09 -5.98
CA TYR F 45 4.41 -43.67 -5.83
C TYR F 45 2.94 -43.31 -5.74
N PHE F 46 2.64 -42.36 -4.87
CA PHE F 46 1.27 -41.86 -4.70
C PHE F 46 1.14 -40.42 -5.24
N ILE F 47 -0.09 -39.94 -5.35
CA ILE F 47 -0.32 -38.55 -5.74
C ILE F 47 -1.29 -37.90 -4.78
N TYR F 48 -0.81 -36.91 -4.05
CA TYR F 48 -1.63 -36.22 -3.05
C TYR F 48 -2.97 -35.81 -3.61
N GLY F 49 -4.02 -36.32 -2.98
CA GLY F 49 -5.39 -35.97 -3.35
C GLY F 49 -6.09 -37.05 -4.16
N GLN F 50 -5.32 -37.96 -4.70
CA GLN F 50 -5.91 -39.04 -5.44
C GLN F 50 -6.03 -40.30 -4.58
N LYS F 51 -6.29 -41.44 -5.20
CA LYS F 51 -6.83 -42.55 -4.43
C LYS F 51 -5.92 -43.75 -4.28
N LYS F 52 -5.15 -44.03 -5.32
CA LYS F 52 -4.44 -45.30 -5.38
C LYS F 52 -2.92 -45.15 -5.40
N TRP F 53 -2.24 -46.01 -4.64
CA TRP F 53 -0.81 -46.22 -4.80
C TRP F 53 -0.48 -46.81 -6.17
N LEU F 54 0.64 -46.41 -6.73
CA LEU F 54 0.93 -46.78 -8.11
C LEU F 54 2.30 -47.41 -8.27
N ASN F 55 2.35 -48.53 -8.99
CA ASN F 55 3.61 -49.21 -9.26
C ASN F 55 4.40 -48.43 -10.30
N LYS F 56 5.72 -48.51 -10.17
CA LYS F 56 6.62 -48.10 -11.22
C LYS F 56 7.31 -49.40 -11.58
N SER F 57 7.26 -49.78 -12.85
CA SER F 57 7.80 -51.09 -13.26
C SER F 57 9.33 -51.08 -13.24
N GLU F 58 9.91 -50.02 -13.80
CA GLU F 58 11.36 -49.89 -13.85
C GLU F 58 11.99 -49.95 -12.47
N CYS F 59 11.17 -49.95 -11.42
CA CYS F 59 11.66 -50.08 -10.03
C CYS F 59 10.95 -51.21 -9.30
N ARG F 60 10.62 -52.27 -10.03
CA ARG F 60 10.07 -53.49 -9.41
C ARG F 60 11.24 -54.43 -9.19
N ASN F 61 11.57 -54.68 -7.93
CA ASN F 61 12.77 -55.44 -7.60
C ASN F 61 14.00 -54.92 -8.34
N ILE F 62 14.74 -53.99 -7.71
CA ILE F 62 16.01 -53.49 -8.29
C ILE F 62 17.17 -53.60 -7.30
N ASN F 63 18.38 -53.60 -7.82
CA ASN F 63 19.56 -53.68 -6.98
C ASN F 63 19.78 -52.34 -6.29
N ARG F 64 19.51 -51.26 -7.03
CA ARG F 64 19.80 -49.89 -6.62
C ARG F 64 19.19 -49.51 -5.27
N THR F 65 19.59 -48.33 -4.80
CA THR F 65 18.90 -47.66 -3.70
C THR F 65 18.47 -46.31 -4.23
N TYR F 66 18.06 -46.29 -5.49
CA TYR F 66 17.60 -45.07 -6.13
C TYR F 66 16.66 -45.35 -7.30
N CYS F 67 15.57 -44.61 -7.36
CA CYS F 67 14.61 -44.72 -8.44
C CYS F 67 14.35 -43.34 -9.02
N ASP F 68 14.36 -43.23 -10.34
CA ASP F 68 14.05 -41.94 -10.98
C ASP F 68 12.55 -41.81 -11.31
N LEU F 69 11.88 -40.91 -10.60
CA LEU F 69 10.44 -40.72 -10.78
C LEU F 69 10.12 -39.47 -11.60
N SER F 70 11.10 -38.97 -12.33
CA SER F 70 10.92 -37.75 -13.10
C SER F 70 9.62 -37.68 -13.88
N ALA F 71 9.32 -38.71 -14.66
CA ALA F 71 8.13 -38.71 -15.50
C ALA F 71 6.87 -38.72 -14.66
N GLU F 72 6.79 -39.68 -13.74
CA GLU F 72 5.69 -39.76 -12.78
C GLU F 72 5.32 -38.42 -12.12
N THR F 73 6.33 -37.71 -11.66
CA THR F 73 6.14 -36.49 -10.89
C THR F 73 6.35 -35.23 -11.72
N SER F 74 6.06 -35.29 -13.01
CA SER F 74 6.39 -34.20 -13.92
C SER F 74 5.53 -32.95 -13.75
N ASP F 75 4.40 -33.09 -13.06
CA ASP F 75 3.50 -31.96 -12.86
C ASP F 75 3.84 -31.15 -11.64
N TYR F 76 4.32 -29.92 -11.85
CA TYR F 76 4.70 -29.04 -10.76
C TYR F 76 3.57 -28.91 -9.80
N GLU F 77 2.40 -28.58 -10.36
CA GLU F 77 1.21 -28.26 -9.59
C GLU F 77 0.79 -29.36 -8.62
N HIS F 78 1.35 -30.55 -8.78
CA HIS F 78 0.99 -31.65 -7.89
C HIS F 78 1.94 -31.91 -6.74
N GLN F 79 1.50 -32.73 -5.80
CA GLN F 79 2.41 -33.23 -4.79
C GLN F 79 2.33 -34.74 -4.71
N TYR F 80 3.49 -35.35 -4.58
CA TYR F 80 3.54 -36.78 -4.53
C TYR F 80 4.03 -37.30 -3.18
N TYR F 81 3.80 -38.58 -2.96
CA TYR F 81 4.49 -39.33 -1.94
C TYR F 81 5.12 -40.50 -2.66
N ALA F 82 5.95 -41.26 -1.98
CA ALA F 82 6.48 -42.48 -2.55
C ALA F 82 6.79 -43.36 -1.36
N ARG F 83 6.92 -44.64 -1.62
CA ARG F 83 7.30 -45.54 -0.56
C ARG F 83 8.11 -46.68 -1.14
N VAL F 84 8.76 -47.44 -0.27
CA VAL F 84 9.70 -48.43 -0.77
C VAL F 84 9.89 -49.49 0.29
N ARG F 85 10.07 -50.73 -0.14
CA ARG F 85 10.35 -51.79 0.82
C ARG F 85 11.44 -52.71 0.29
N ALA F 86 12.23 -53.27 1.19
CA ALA F 86 13.28 -54.19 0.80
C ALA F 86 12.74 -55.61 0.79
N ILE F 87 13.30 -56.42 -0.09
CA ILE F 87 12.85 -57.79 -0.27
C ILE F 87 14.02 -58.78 -0.14
N TRP F 88 13.73 -59.96 0.43
CA TRP F 88 14.71 -61.03 0.57
C TRP F 88 14.29 -62.26 -0.24
N GLY F 89 13.69 -63.24 0.44
CA GLY F 89 13.11 -64.39 -0.23
C GLY F 89 11.72 -63.99 -0.67
N THR F 90 10.72 -64.39 0.11
CA THR F 90 9.44 -63.69 0.10
C THR F 90 9.19 -63.28 1.54
N LYS F 91 10.26 -62.86 2.20
CA LYS F 91 10.14 -62.08 3.42
C LYS F 91 10.44 -60.62 3.08
N CYS F 92 9.44 -59.77 3.25
CA CYS F 92 9.54 -58.35 2.94
C CYS F 92 9.36 -57.55 4.21
N SER F 93 10.21 -56.56 4.42
CA SER F 93 10.07 -55.65 5.58
C SER F 93 9.20 -54.45 5.19
N LYS F 94 8.20 -54.18 6.03
CA LYS F 94 7.24 -53.07 5.90
C LYS F 94 7.14 -52.32 4.56
N TRP F 95 6.78 -51.03 4.66
CA TRP F 95 6.79 -50.07 3.57
C TRP F 95 7.37 -48.80 4.17
N ALA F 96 8.35 -48.21 3.50
CA ALA F 96 8.89 -46.94 3.97
C ALA F 96 8.29 -45.81 3.16
N GLU F 97 7.73 -44.84 3.86
CA GLU F 97 6.97 -43.77 3.24
C GLU F 97 7.74 -42.43 3.29
N SER F 98 7.86 -41.76 2.15
CA SER F 98 8.48 -40.44 2.15
C SER F 98 7.53 -39.39 2.69
N GLY F 99 8.02 -38.16 2.82
CA GLY F 99 7.19 -37.05 3.22
C GLY F 99 6.70 -36.46 1.93
N ARG F 100 5.70 -35.58 2.01
CA ARG F 100 5.09 -35.00 0.82
C ARG F 100 6.07 -34.11 0.04
N PHE F 101 6.17 -34.38 -1.25
CA PHE F 101 7.17 -33.78 -2.12
C PHE F 101 6.44 -32.91 -3.15
N TYR F 102 6.87 -31.66 -3.29
CA TYR F 102 6.22 -30.68 -4.15
C TYR F 102 7.26 -30.10 -5.09
N PRO F 103 7.47 -30.75 -6.25
CA PRO F 103 8.53 -30.42 -7.20
C PRO F 103 8.65 -28.94 -7.55
N PHE F 104 7.53 -28.27 -7.79
CA PHE F 104 7.59 -26.87 -8.17
C PHE F 104 8.29 -26.00 -7.13
N LEU F 105 8.15 -26.35 -5.85
CA LEU F 105 8.70 -25.51 -4.79
C LEU F 105 10.00 -26.06 -4.18
N GLU F 106 10.34 -27.29 -4.52
CA GLU F 106 11.53 -27.93 -3.96
C GLU F 106 12.66 -28.18 -4.98
N THR F 107 12.35 -28.27 -6.27
CA THR F 107 13.42 -28.54 -7.19
C THR F 107 14.48 -27.45 -7.09
N GLN F 108 15.75 -27.85 -7.23
CA GLN F 108 16.81 -26.88 -7.36
C GLN F 108 16.94 -26.46 -8.81
N ILE F 109 17.21 -25.18 -9.05
CA ILE F 109 17.47 -24.72 -10.40
C ILE F 109 18.98 -24.65 -10.62
N GLY F 110 19.47 -25.48 -11.53
CA GLY F 110 20.87 -25.51 -11.85
C GLY F 110 21.31 -24.24 -12.54
N PRO F 111 22.62 -24.11 -12.76
CA PRO F 111 23.29 -22.94 -13.33
C PRO F 111 23.08 -22.87 -14.82
N PRO F 112 23.16 -21.67 -15.40
CA PRO F 112 23.13 -21.60 -16.87
C PRO F 112 24.49 -22.05 -17.35
N GLU F 113 24.66 -22.24 -18.64
CA GLU F 113 26.02 -22.46 -19.12
C GLU F 113 26.55 -21.15 -19.66
N VAL F 114 27.82 -20.87 -19.33
CA VAL F 114 28.40 -19.58 -19.61
C VAL F 114 29.59 -19.70 -20.58
N ALA F 115 29.50 -18.95 -21.67
CA ALA F 115 30.60 -18.81 -22.62
C ALA F 115 31.18 -17.37 -22.57
N LEU F 116 32.48 -17.28 -22.32
CA LEU F 116 33.13 -15.98 -22.36
C LEU F 116 33.89 -15.81 -23.66
N THR F 117 33.72 -14.66 -24.30
CA THR F 117 34.58 -14.29 -25.41
C THR F 117 35.10 -12.91 -25.12
N THR F 118 36.30 -12.60 -25.59
CA THR F 118 36.86 -11.28 -25.32
C THR F 118 36.92 -10.34 -26.53
N ASP F 119 36.96 -9.04 -26.23
CA ASP F 119 37.49 -8.00 -27.11
C ASP F 119 38.86 -7.63 -26.53
N GLU F 120 39.06 -6.37 -26.14
CA GLU F 120 40.27 -6.00 -25.39
C GLU F 120 40.01 -5.01 -24.23
N LYS F 121 38.86 -4.35 -24.28
CA LYS F 121 38.42 -3.52 -23.17
C LYS F 121 37.25 -4.24 -22.52
N SER F 122 36.65 -5.16 -23.29
CA SER F 122 35.37 -5.77 -22.94
C SER F 122 35.33 -7.30 -23.03
N ILE F 123 34.84 -7.94 -21.98
CA ILE F 123 34.55 -9.37 -22.01
C ILE F 123 33.05 -9.55 -22.21
N SER F 124 32.66 -10.56 -22.98
CA SER F 124 31.25 -10.83 -23.22
C SER F 124 30.82 -12.12 -22.58
N VAL F 125 29.65 -12.09 -21.95
CA VAL F 125 29.16 -13.21 -21.17
C VAL F 125 27.85 -13.61 -21.78
N VAL F 126 27.75 -14.87 -22.19
CA VAL F 126 26.53 -15.33 -22.82
C VAL F 126 26.13 -16.64 -22.20
N LEU F 127 25.05 -16.59 -21.44
CA LEU F 127 24.54 -17.78 -20.79
C LEU F 127 23.45 -18.35 -21.67
N THR F 128 23.36 -19.68 -21.69
CA THR F 128 22.14 -20.32 -22.16
C THR F 128 21.45 -20.92 -20.95
N ALA F 129 20.13 -20.73 -20.86
CA ALA F 129 19.36 -21.06 -19.65
C ALA F 129 19.41 -22.53 -19.32
N PRO F 130 19.35 -22.85 -18.02
CA PRO F 130 19.29 -24.24 -17.57
C PRO F 130 18.09 -24.93 -18.20
N GLU F 131 18.25 -26.18 -18.61
CA GLU F 131 17.17 -26.89 -19.30
C GLU F 131 16.39 -27.76 -18.33
N LYS F 132 15.08 -27.90 -18.58
CA LYS F 132 14.29 -28.86 -17.81
C LYS F 132 14.67 -30.27 -18.21
N TRP F 133 14.35 -31.21 -17.33
CA TRP F 133 14.50 -32.63 -17.65
C TRP F 133 13.72 -32.95 -18.92
N LYS F 134 14.39 -33.57 -19.87
CA LYS F 134 13.74 -33.94 -21.13
C LYS F 134 13.14 -35.34 -21.04
N ARG F 135 11.84 -35.44 -21.31
CA ARG F 135 11.09 -36.70 -21.19
C ARG F 135 11.58 -37.69 -22.24
N ASN F 136 11.48 -37.27 -23.50
CA ASN F 136 12.04 -38.03 -24.60
C ASN F 136 13.26 -37.26 -25.09
N PRO F 137 14.31 -37.99 -25.48
CA PRO F 137 15.59 -37.43 -25.97
C PRO F 137 15.48 -36.58 -27.24
N GLU F 138 14.37 -36.69 -27.96
CA GLU F 138 14.15 -35.88 -29.16
C GLU F 138 13.11 -34.79 -28.95
N ASP F 139 12.66 -34.64 -27.70
CA ASP F 139 11.60 -33.69 -27.37
C ASP F 139 12.08 -32.23 -27.39
N LEU F 140 11.12 -31.34 -27.60
CA LEU F 140 11.31 -29.88 -27.56
C LEU F 140 11.98 -29.43 -26.25
N PRO F 141 13.26 -28.98 -26.33
CA PRO F 141 14.03 -28.54 -25.16
C PRO F 141 13.24 -27.51 -24.34
N VAL F 142 13.39 -27.54 -23.01
CA VAL F 142 12.63 -26.61 -22.18
C VAL F 142 13.48 -25.72 -21.25
N SER F 143 13.27 -24.42 -21.38
CA SER F 143 13.97 -23.44 -20.57
C SER F 143 13.28 -23.35 -19.22
N MET F 144 14.04 -23.53 -18.15
CA MET F 144 13.47 -23.40 -16.82
C MET F 144 12.96 -21.99 -16.58
N GLN F 145 13.14 -21.13 -17.58
CA GLN F 145 12.63 -19.76 -17.55
C GLN F 145 11.16 -19.68 -17.96
N GLN F 146 10.71 -20.74 -18.63
CA GLN F 146 9.31 -20.87 -19.05
C GLN F 146 8.47 -21.27 -17.85
N ILE F 147 9.10 -22.00 -16.94
CA ILE F 147 8.44 -22.51 -15.74
C ILE F 147 8.50 -21.44 -14.67
N TYR F 148 9.67 -20.86 -14.54
CA TYR F 148 9.86 -19.77 -13.60
C TYR F 148 10.08 -18.48 -14.41
N SER F 149 9.03 -17.68 -14.53
CA SER F 149 9.07 -16.49 -15.38
C SER F 149 9.91 -15.37 -14.77
N ASN F 150 10.14 -15.47 -13.47
CA ASN F 150 10.94 -14.49 -12.73
C ASN F 150 12.39 -14.95 -12.45
N LEU F 151 12.84 -16.02 -13.10
CA LEU F 151 14.20 -16.51 -12.93
C LEU F 151 15.23 -15.43 -13.26
N LYS F 152 16.15 -15.17 -12.32
CA LYS F 152 17.26 -14.26 -12.57
C LYS F 152 18.61 -14.95 -12.37
N TYR F 153 19.65 -14.46 -13.03
CA TYR F 153 21.00 -14.98 -12.81
C TYR F 153 21.87 -14.03 -11.99
N ASN F 154 22.64 -14.62 -11.07
CA ASN F 154 23.68 -13.90 -10.36
C ASN F 154 25.04 -14.08 -11.03
N VAL F 155 25.51 -13.01 -11.63
CA VAL F 155 26.81 -13.02 -12.27
C VAL F 155 27.87 -12.39 -11.36
N SER F 156 28.83 -13.20 -10.91
CA SER F 156 29.90 -12.74 -10.01
C SER F 156 31.22 -12.62 -10.77
N VAL F 157 31.80 -11.42 -10.77
CA VAL F 157 33.05 -11.17 -11.46
C VAL F 157 34.24 -10.97 -10.50
N LEU F 158 35.33 -11.66 -10.76
CA LEU F 158 36.55 -11.48 -9.99
C LEU F 158 37.67 -10.95 -10.87
N ASN F 159 38.31 -9.85 -10.44
CA ASN F 159 39.52 -9.38 -11.09
C ASN F 159 40.68 -9.99 -10.31
N THR F 160 41.39 -10.92 -10.94
CA THR F 160 42.37 -11.75 -10.23
C THR F 160 43.66 -11.02 -9.89
N LYS F 161 43.81 -9.82 -10.44
CA LYS F 161 45.01 -9.03 -10.22
C LYS F 161 44.82 -8.18 -8.95
N SER F 162 43.66 -7.57 -8.83
CA SER F 162 43.35 -6.75 -7.66
C SER F 162 42.66 -7.52 -6.54
N ASN F 163 42.26 -8.76 -6.81
CA ASN F 163 41.49 -9.58 -5.87
C ASN F 163 40.17 -8.95 -5.46
N ARG F 164 39.70 -8.02 -6.28
CA ARG F 164 38.42 -7.35 -6.03
C ARG F 164 37.35 -8.07 -6.82
N THR F 165 36.15 -8.18 -6.26
CA THR F 165 35.06 -8.90 -6.90
C THR F 165 33.75 -8.11 -6.84
N TRP F 166 32.85 -8.35 -7.79
CA TRP F 166 31.48 -7.82 -7.72
C TRP F 166 30.44 -8.72 -8.37
N SER F 167 29.20 -8.62 -7.89
CA SER F 167 28.07 -9.34 -8.49
C SER F 167 27.08 -8.37 -9.12
N GLN F 168 26.21 -8.92 -9.96
CA GLN F 168 25.05 -8.18 -10.45
C GLN F 168 23.99 -9.14 -10.94
N CYS F 169 22.72 -8.80 -10.70
CA CYS F 169 21.61 -9.62 -11.16
C CYS F 169 21.25 -9.22 -12.58
N VAL F 170 21.00 -10.21 -13.44
CA VAL F 170 20.63 -9.95 -14.84
C VAL F 170 19.55 -10.94 -15.31
N THR F 171 18.84 -10.60 -16.38
CA THR F 171 17.82 -11.48 -16.94
C THR F 171 18.07 -11.74 -18.43
N ASN F 172 18.73 -10.78 -19.07
CA ASN F 172 19.19 -10.91 -20.45
C ASN F 172 20.18 -12.07 -20.57
N HIS F 173 20.20 -12.77 -21.69
CA HIS F 173 21.06 -13.96 -21.77
C HIS F 173 22.48 -13.61 -22.10
N THR F 174 22.74 -12.32 -22.22
CA THR F 174 24.05 -11.84 -22.59
C THR F 174 24.39 -10.56 -21.81
N LEU F 175 25.67 -10.42 -21.45
CA LEU F 175 26.10 -9.29 -20.63
C LEU F 175 27.49 -8.86 -21.07
N VAL F 176 27.63 -7.62 -21.52
CA VAL F 176 28.97 -7.12 -21.85
C VAL F 176 29.57 -6.38 -20.67
N LEU F 177 30.71 -6.86 -20.23
CA LEU F 177 31.51 -6.13 -19.28
C LEU F 177 32.40 -5.28 -20.15
N THR F 178 32.47 -3.99 -19.85
CA THR F 178 33.24 -3.05 -20.65
C THR F 178 34.14 -2.23 -19.74
N TRP F 179 35.15 -1.59 -20.34
CA TRP F 179 36.08 -0.76 -19.59
C TRP F 179 36.79 -1.56 -18.53
N LEU F 180 37.30 -2.71 -18.94
CA LEU F 180 38.09 -3.57 -18.09
C LEU F 180 39.57 -3.22 -18.22
N GLU F 181 40.36 -3.56 -17.20
CA GLU F 181 41.80 -3.41 -17.27
C GLU F 181 42.41 -4.34 -18.33
N PRO F 182 43.50 -3.90 -18.97
CA PRO F 182 44.08 -4.65 -20.09
C PRO F 182 45.05 -5.74 -19.65
N ASN F 183 45.12 -6.82 -20.41
CA ASN F 183 45.98 -7.94 -20.04
C ASN F 183 45.62 -8.43 -18.64
N THR F 184 44.33 -8.40 -18.32
CA THR F 184 43.89 -8.77 -16.98
C THR F 184 42.98 -9.98 -16.98
N LEU F 185 43.28 -10.92 -16.12
CA LEU F 185 42.47 -12.13 -16.02
C LEU F 185 41.22 -11.86 -15.19
N TYR F 186 40.07 -12.18 -15.76
CA TYR F 186 38.81 -11.99 -15.06
C TYR F 186 38.08 -13.34 -14.92
N CYS F 187 37.61 -13.65 -13.72
CA CYS F 187 36.87 -14.90 -13.50
C CYS F 187 35.40 -14.68 -13.24
N VAL F 188 34.59 -15.48 -13.91
CA VAL F 188 33.15 -15.31 -13.91
C VAL F 188 32.47 -16.62 -13.54
N HIS F 189 31.63 -16.62 -12.50
CA HIS F 189 30.76 -17.76 -12.24
C HIS F 189 29.34 -17.27 -12.04
N VAL F 190 28.37 -18.16 -12.23
CA VAL F 190 26.99 -17.70 -12.36
C VAL F 190 25.96 -18.65 -11.74
N GLU F 191 25.28 -18.18 -10.70
CA GLU F 191 24.23 -18.96 -10.04
C GLU F 191 22.85 -18.57 -10.56
N SER F 192 21.99 -19.56 -10.75
CA SER F 192 20.61 -19.27 -11.11
C SER F 192 19.83 -19.02 -9.85
N PHE F 193 18.93 -18.04 -9.88
CA PHE F 193 18.14 -17.82 -8.68
C PHE F 193 16.74 -17.34 -9.00
N VAL F 194 15.77 -17.91 -8.30
CA VAL F 194 14.40 -17.45 -8.40
C VAL F 194 14.03 -16.81 -7.08
N PRO F 195 13.43 -15.62 -7.15
CA PRO F 195 12.90 -15.00 -5.94
C PRO F 195 11.69 -15.82 -5.54
N GLY F 196 11.47 -15.95 -4.25
CA GLY F 196 10.36 -16.75 -3.77
C GLY F 196 10.91 -17.82 -2.87
N PRO F 197 10.28 -19.00 -2.92
CA PRO F 197 10.61 -20.07 -1.97
C PRO F 197 12.11 -20.31 -1.98
N PRO F 198 12.78 -20.09 -0.84
CA PRO F 198 14.22 -20.36 -0.73
C PRO F 198 14.56 -21.83 -1.05
N ARG F 199 15.22 -22.06 -2.18
CA ARG F 199 15.58 -23.40 -2.62
C ARG F 199 17.03 -23.70 -2.33
N ARG F 200 17.28 -24.98 -2.04
CA ARG F 200 18.63 -25.52 -1.97
C ARG F 200 19.43 -24.83 -3.08
N ALA F 201 20.47 -24.10 -2.70
CA ALA F 201 21.29 -23.36 -3.67
C ALA F 201 21.88 -24.35 -4.69
N GLN F 202 22.57 -23.81 -5.69
CA GLN F 202 23.13 -24.69 -6.72
C GLN F 202 24.49 -24.19 -7.19
N PRO F 203 25.52 -25.03 -7.01
CA PRO F 203 26.85 -24.67 -7.50
C PRO F 203 26.79 -23.76 -8.73
N SER F 204 27.63 -22.75 -8.77
CA SER F 204 27.72 -21.92 -9.97
C SER F 204 28.61 -22.58 -11.03
N GLU F 205 28.78 -21.93 -12.18
CA GLU F 205 29.70 -22.44 -13.19
C GLU F 205 30.91 -21.51 -13.46
N LYS F 206 32.14 -22.03 -13.29
CA LYS F 206 33.37 -21.21 -13.14
C LYS F 206 34.37 -21.08 -14.30
N GLN F 207 34.40 -19.90 -14.94
CA GLN F 207 35.09 -19.69 -16.22
C GLN F 207 35.97 -18.42 -16.21
N CYS F 208 37.20 -18.50 -16.70
CA CYS F 208 38.10 -17.34 -16.74
C CYS F 208 38.47 -16.88 -18.15
N ALA F 209 38.79 -15.61 -18.29
CA ALA F 209 39.22 -15.05 -19.57
C ALA F 209 39.98 -13.75 -19.40
N ARG F 210 41.12 -13.64 -20.08
CA ARG F 210 41.98 -12.43 -20.05
C ARG F 210 41.62 -11.40 -21.15
N THR F 211 41.58 -10.13 -20.78
CA THR F 211 41.41 -9.06 -21.76
C THR F 211 42.67 -8.95 -22.60
N LEU F 212 42.54 -8.46 -23.82
CA LEU F 212 43.66 -8.46 -24.75
C LEU F 212 44.68 -7.43 -24.34
N LYS F 213 45.96 -7.70 -24.66
CA LYS F 213 47.07 -6.85 -24.20
C LYS F 213 46.80 -5.40 -24.56
N ASP F 214 47.41 -4.49 -23.81
CA ASP F 214 47.20 -3.07 -24.06
C ASP F 214 47.20 -2.73 -25.56
C1 NAG G . -24.31 18.19 8.20
C2 NAG G . -24.54 17.48 9.54
C3 NAG G . -23.93 18.36 10.64
C4 NAG G . -22.44 18.70 10.37
C5 NAG G . -22.16 19.01 8.88
C6 NAG G . -20.67 18.87 8.60
C7 NAG G . -26.47 16.30 10.69
C8 NAG G . -27.97 16.10 10.76
N2 NAG G . -25.97 17.15 9.73
O3 NAG G . -24.11 17.75 11.91
O4 NAG G . -22.02 19.85 11.12
O5 NAG G . -22.92 18.26 7.93
O6 NAG G . -20.38 17.53 8.21
O7 NAG G . -25.75 15.68 11.52
C1 NAG H . -17.77 41.84 -6.70
C2 NAG H . -16.88 41.35 -5.56
C3 NAG H . -16.12 42.54 -4.93
C4 NAG H . -15.58 43.53 -5.98
C5 NAG H . -16.39 43.62 -7.29
C6 NAG H . -15.48 44.16 -8.40
C7 NAG H . -18.03 39.35 -4.82
C8 NAG H . -18.87 38.66 -3.77
N2 NAG H . -17.75 40.65 -4.64
O3 NAG H . -15.03 42.04 -4.15
O4 NAG H . -15.47 44.86 -5.46
O5 NAG H . -16.96 42.39 -7.72
O6 NAG H . -16.25 44.90 -9.33
O7 NAG H . -17.59 38.72 -5.80
C1 NAG I . -24.58 13.18 5.01
C2 NAG I . -23.55 14.29 4.79
C3 NAG I . -23.32 14.98 6.14
C4 NAG I . -24.66 15.40 6.75
C5 NAG I . -25.88 14.51 6.43
C6 NAG I . -27.18 15.29 6.55
C7 NAG I . -22.15 13.62 2.81
C8 NAG I . -21.52 12.32 2.38
N2 NAG I . -22.33 13.77 4.16
O3 NAG I . -22.47 16.11 5.98
O4 NAG I . -24.55 15.44 8.17
O5 NAG I . -25.81 13.88 5.17
O6 NAG I . -27.96 14.58 7.52
O7 NAG I . -22.46 14.49 1.96
C1 NAG J . 28.06 -14.25 -0.49
C2 NAG J . 29.11 -13.22 -0.09
C3 NAG J . 29.37 -13.20 1.41
C4 NAG J . 28.52 -14.29 2.07
C5 NAG J . 27.03 -14.15 1.68
C6 NAG J . 26.26 -12.96 2.23
C7 NAG J . 30.70 -12.30 -1.55
C8 NAG J . 31.61 -12.45 -2.76
N2 NAG J . 30.30 -13.41 -0.90
O3 NAG J . 29.06 -11.91 1.91
O4 NAG J . 28.96 -15.50 1.51
O5 NAG J . 26.86 -14.11 0.28
O6 NAG J . 24.82 -13.18 2.13
O7 NAG J . 30.34 -11.16 -1.22
C1 NAG K . 25.23 -14.46 -5.05
C2 NAG K . 24.41 -14.26 -3.82
C3 NAG K . 25.31 -13.47 -2.90
C4 NAG K . 26.80 -13.63 -3.27
C5 NAG K . 27.19 -13.57 -4.76
C6 NAG K . 28.70 -13.80 -4.92
C7 NAG K . 22.04 -14.28 -4.49
C8 NAG K . 20.98 -13.54 -5.26
N2 NAG K . 23.13 -13.58 -4.12
O3 NAG K . 25.10 -13.91 -1.54
O4 NAG K . 27.52 -12.63 -2.57
O5 NAG K . 26.49 -14.51 -5.52
O6 NAG K . 28.91 -14.84 -5.86
O7 NAG K . 21.94 -15.49 -4.20
#